data_6C09
#
_entry.id   6C09
#
_cell.length_a   173.170
_cell.length_b   173.170
_cell.length_c   82.470
_cell.angle_alpha   90.00
_cell.angle_beta   90.00
_cell.angle_gamma   120.00
#
_symmetry.space_group_name_H-M   'P 31 2 1'
#
loop_
_entity.id
_entity.type
_entity.pdbx_description
1 polymer 'T-cell surface glycoprotein CD1c'
2 polymer Beta-2-microglobulin
3 polymer '3C8 T cell receptor alpha-chain'
4 polymer '3C8 T cell receptor beta-chain'
5 non-polymer 2-acetamido-2-deoxy-beta-D-glucopyranose
6 non-polymer '(2R)-2,3-dihydroxypropyl hexadecanoate'
7 non-polymer DECANE
8 non-polymer 'POTASSIUM ION'
9 non-polymer 1,2-ETHANEDIOL
10 non-polymer DI(HYDROXYETHYL)ETHER
11 water water
#
loop_
_entity_poly.entity_id
_entity_poly.type
_entity_poly.pdbx_seq_one_letter_code
_entity_poly.pdbx_strand_id
1 'polypeptide(L)'
;ETGADASQEHVSFHVIQIFSFVNQSWARGQGSGWLDELQTHGWDSESGTIIFLHNWSKGNFSNEELSDLELLFRFYLFGL
TREIQDHASQDYSKYPFEVQVKAGCELHSGKSPEGFFQVAFNGLDLLSFQNTTWVPSPGCGSLAQSVCHLLNHQYEGVTE
TVYNLIRSTCPRFLLGLLDAGKMYVHRQVRPEAWLSSRPSLGSGQLLLVCHASGFYPKPVWVTWMRNEQEQLGTKHGDIL
PNADGTWYLQVILEVASEEPAGLSCRVRHSSLGGQDIILYWGSLVPR
;
A
2 'polypeptide(L)'
;ETGIQRTPKIQVYSRHPAENGKSNFLNCYVSGFHPSDIEVDLLKNGERIEKVEHSDLSFSKDWSFYLLYYTEFTPTEKDE
YACRVNHVTLSQPKIVKWDRDMGSLVPR
;
B
3 'polypeptide(L)'
;MDQQVKQNSPSLSVQEGRISILNCDYTNSMFDYFLWYKKYPAEGPTFLISISSIKDKNEDGRFTVFLNKSAKHLSLHIVP
SQPGDSAVYFCAASVGDKIIFGKGTRLHILPNMQNPDPAVYQLRDSKSSDKSVCLFTDFDSQTNVSQSKDSDVYITDKCV
LDMRSMDFKSNSAVAWSNKSDFACANAFNNSIIPEDTFFPSPESS
;
C
4 'polypeptide(L)'
;MGAGVSQSPSNKVTEKGKDVELRCDPISGHTALYWYRQSLGQGLEFLIYFQGNSAPDKSGLPSDRFSAERTGGSVSTLTI
QRTQQEDSAVYLCASSSYRGPRMNEQFFGPGTRLTVLEDLKNVFPPEVAVFEPSEAEISHTQKATLVCLATGFYPDHVEL
SWWVNGKEVHSGVCTDPQPLKEQPALNDSRYALSSRLRVSATFWQNPRNHFRCQVQFYGLSENDEWTQDRAKPVTQIVSA
EAWGRAD
;
D
#
# COMPACT_ATOMS: atom_id res chain seq x y z
N HIS A 10 -31.04 13.72 0.20
CA HIS A 10 -31.11 12.44 0.91
C HIS A 10 -30.62 11.27 0.02
N VAL A 11 -29.39 11.40 -0.56
CA VAL A 11 -28.77 10.42 -1.46
C VAL A 11 -27.55 9.80 -0.81
N SER A 12 -27.47 8.46 -0.78
CA SER A 12 -26.37 7.76 -0.12
C SER A 12 -25.80 6.55 -0.82
N PHE A 13 -24.53 6.24 -0.50
CA PHE A 13 -23.86 5.01 -0.91
C PHE A 13 -23.35 4.28 0.36
N HIS A 14 -23.36 2.94 0.34
CA HIS A 14 -22.91 2.12 1.44
C HIS A 14 -22.59 0.71 1.00
N VAL A 15 -21.61 0.09 1.65
CA VAL A 15 -21.23 -1.29 1.41
C VAL A 15 -21.64 -2.07 2.65
N ILE A 16 -21.96 -3.33 2.47
CA ILE A 16 -22.32 -4.18 3.61
C ILE A 16 -21.40 -5.39 3.60
N GLN A 17 -20.95 -5.81 4.79
CA GLN A 17 -20.10 -6.98 4.89
C GLN A 17 -20.69 -7.89 5.91
N ILE A 18 -20.92 -9.16 5.57
CA ILE A 18 -21.49 -10.17 6.47
C ILE A 18 -20.42 -11.25 6.72
N PHE A 19 -19.77 -11.22 7.91
CA PHE A 19 -18.72 -12.15 8.33
C PHE A 19 -19.27 -13.21 9.23
N SER A 20 -19.16 -14.47 8.81
CA SER A 20 -19.62 -15.57 9.62
C SER A 20 -18.40 -16.35 10.10
N PHE A 21 -18.09 -16.26 11.41
CA PHE A 21 -16.97 -16.94 12.08
C PHE A 21 -17.55 -18.17 12.76
N VAL A 22 -17.36 -19.33 12.11
CA VAL A 22 -17.91 -20.62 12.53
C VAL A 22 -16.99 -21.35 13.52
N ASN A 23 -15.75 -21.65 13.10
CA ASN A 23 -14.74 -22.29 13.95
C ASN A 23 -13.36 -21.66 13.80
N GLN A 24 -12.44 -22.01 14.71
CA GLN A 24 -11.06 -21.52 14.79
C GLN A 24 -10.30 -21.54 13.45
N SER A 25 -10.73 -22.40 12.51
CA SER A 25 -10.12 -22.58 11.20
C SER A 25 -11.05 -22.28 10.02
N TRP A 26 -12.28 -21.78 10.26
CA TRP A 26 -13.22 -21.47 9.18
C TRP A 26 -14.09 -20.22 9.40
N ALA A 27 -13.97 -19.25 8.47
CA ALA A 27 -14.68 -17.97 8.46
C ALA A 27 -15.04 -17.51 7.03
N ARG A 28 -16.32 -17.13 6.78
CA ARG A 28 -16.74 -16.68 5.44
C ARG A 28 -17.30 -15.25 5.38
N GLY A 29 -17.00 -14.56 4.30
CA GLY A 29 -17.46 -13.20 4.08
C GLY A 29 -18.28 -13.00 2.82
N GLN A 30 -19.24 -12.08 2.91
CA GLN A 30 -20.14 -11.74 1.82
C GLN A 30 -20.11 -10.25 1.77
N GLY A 31 -20.18 -9.67 0.58
CA GLY A 31 -20.18 -8.22 0.44
C GLY A 31 -20.97 -7.66 -0.72
N SER A 32 -21.40 -6.40 -0.58
CA SER A 32 -22.17 -5.73 -1.63
C SER A 32 -22.15 -4.22 -1.52
N GLY A 33 -22.36 -3.58 -2.68
CA GLY A 33 -22.46 -2.13 -2.85
C GLY A 33 -23.91 -1.76 -3.07
N TRP A 34 -24.37 -0.69 -2.40
CA TRP A 34 -25.76 -0.24 -2.40
C TRP A 34 -25.97 1.24 -2.57
N LEU A 35 -26.77 1.59 -3.53
CA LEU A 35 -27.18 2.97 -3.80
C LEU A 35 -28.65 2.99 -3.31
N ASP A 36 -28.85 3.38 -2.03
CA ASP A 36 -30.11 3.32 -1.28
C ASP A 36 -30.50 1.83 -1.25
N GLU A 37 -31.75 1.43 -1.50
CA GLU A 37 -32.05 -0.02 -1.49
C GLU A 37 -31.73 -0.72 -2.84
N LEU A 38 -30.90 -0.08 -3.72
CA LEU A 38 -30.53 -0.66 -5.02
C LEU A 38 -29.09 -1.20 -5.05
N GLN A 39 -28.91 -2.55 -5.16
CA GLN A 39 -27.61 -3.19 -5.26
C GLN A 39 -26.98 -2.76 -6.56
N THR A 40 -25.77 -2.24 -6.48
CA THR A 40 -24.98 -1.75 -7.61
C THR A 40 -23.74 -2.61 -7.80
N HIS A 41 -23.26 -3.22 -6.72
CA HIS A 41 -22.06 -4.02 -6.72
C HIS A 41 -22.18 -5.29 -5.94
N GLY A 42 -21.41 -6.26 -6.36
CA GLY A 42 -21.26 -7.51 -5.65
C GLY A 42 -19.80 -7.68 -5.29
N TRP A 43 -19.45 -8.83 -4.70
CA TRP A 43 -18.06 -9.10 -4.34
C TRP A 43 -17.77 -10.57 -4.58
N ASP A 44 -16.82 -10.86 -5.48
CA ASP A 44 -16.39 -12.23 -5.68
C ASP A 44 -15.38 -12.47 -4.57
N SER A 45 -15.76 -13.26 -3.56
CA SER A 45 -14.94 -13.57 -2.39
C SER A 45 -13.70 -14.36 -2.75
N GLU A 46 -13.81 -15.23 -3.78
CA GLU A 46 -12.72 -16.07 -4.27
C GLU A 46 -11.54 -15.23 -4.81
N SER A 47 -11.76 -14.41 -5.84
CA SER A 47 -10.68 -13.58 -6.40
C SER A 47 -10.43 -12.32 -5.59
N GLY A 48 -11.43 -11.93 -4.79
CA GLY A 48 -11.37 -10.71 -4.00
C GLY A 48 -11.50 -9.50 -4.90
N THR A 49 -12.52 -9.50 -5.76
CA THR A 49 -12.80 -8.43 -6.71
C THR A 49 -14.28 -7.99 -6.63
N ILE A 50 -14.58 -6.80 -7.17
CA ILE A 50 -15.91 -6.23 -7.20
C ILE A 50 -16.65 -6.85 -8.38
N ILE A 51 -17.97 -6.97 -8.24
CA ILE A 51 -18.83 -7.44 -9.31
C ILE A 51 -19.66 -6.24 -9.73
N PHE A 52 -19.44 -5.74 -10.96
CA PHE A 52 -20.19 -4.61 -11.44
C PHE A 52 -21.55 -5.06 -11.98
N LEU A 53 -22.61 -4.84 -11.20
CA LEU A 53 -23.96 -5.26 -11.57
C LEU A 53 -24.55 -4.52 -12.77
N HIS A 54 -24.03 -3.33 -13.11
CA HIS A 54 -24.55 -2.54 -14.22
C HIS A 54 -23.45 -1.94 -15.06
N ASN A 55 -23.77 -1.52 -16.30
CA ASN A 55 -22.81 -0.85 -17.19
C ASN A 55 -22.29 0.44 -16.54
N TRP A 56 -23.16 1.12 -15.76
CA TRP A 56 -22.86 2.36 -15.04
C TRP A 56 -22.34 2.15 -13.62
N SER A 57 -22.17 0.89 -13.16
CA SER A 57 -21.74 0.74 -11.76
C SER A 57 -20.22 0.98 -11.54
N LYS A 58 -19.46 1.39 -12.58
CA LYS A 58 -18.05 1.74 -12.39
C LYS A 58 -17.97 3.24 -12.04
N GLY A 59 -19.10 3.95 -12.15
CA GLY A 59 -19.21 5.37 -11.86
C GLY A 59 -18.37 6.17 -12.83
N ASN A 60 -17.46 7.01 -12.29
CA ASN A 60 -16.51 7.77 -13.11
C ASN A 60 -15.07 7.40 -12.69
N PHE A 61 -14.94 6.24 -12.04
CA PHE A 61 -13.64 5.70 -11.64
C PHE A 61 -13.07 4.85 -12.77
N SER A 62 -11.76 4.92 -12.95
CA SER A 62 -11.07 4.12 -13.95
C SER A 62 -10.84 2.71 -13.37
N ASN A 63 -10.36 1.81 -14.23
CA ASN A 63 -10.05 0.44 -13.86
C ASN A 63 -8.84 0.37 -12.97
N GLU A 64 -7.94 1.34 -13.05
CA GLU A 64 -6.79 1.38 -12.16
C GLU A 64 -7.25 1.91 -10.77
N GLU A 65 -8.28 2.76 -10.71
CA GLU A 65 -8.76 3.27 -9.43
C GLU A 65 -9.56 2.21 -8.70
N LEU A 66 -10.42 1.48 -9.43
CA LEU A 66 -11.23 0.40 -8.85
C LEU A 66 -10.35 -0.76 -8.48
N SER A 67 -9.28 -1.04 -9.23
CA SER A 67 -8.33 -2.12 -8.93
C SER A 67 -7.73 -1.97 -7.54
N ASP A 68 -7.41 -0.70 -7.17
CA ASP A 68 -6.81 -0.26 -5.91
C ASP A 68 -7.80 -0.26 -4.78
N LEU A 69 -9.10 -0.12 -5.09
CA LEU A 69 -10.15 -0.22 -4.07
C LEU A 69 -10.24 -1.68 -3.67
N GLU A 70 -10.21 -2.61 -4.65
CA GLU A 70 -10.25 -4.05 -4.40
C GLU A 70 -9.06 -4.46 -3.55
N LEU A 71 -7.85 -3.95 -3.89
CA LEU A 71 -6.58 -4.22 -3.20
C LEU A 71 -6.70 -3.74 -1.76
N LEU A 72 -7.32 -2.54 -1.55
CA LEU A 72 -7.60 -1.96 -0.25
C LEU A 72 -8.56 -2.85 0.53
N PHE A 73 -9.70 -3.25 -0.09
CA PHE A 73 -10.70 -4.15 0.52
C PHE A 73 -10.11 -5.49 0.95
N ARG A 74 -9.33 -6.14 0.07
CA ARG A 74 -8.65 -7.41 0.33
C ARG A 74 -7.72 -7.30 1.55
N PHE A 75 -6.95 -6.19 1.60
CA PHE A 75 -6.05 -5.88 2.71
C PHE A 75 -6.83 -5.78 4.03
N TYR A 76 -8.00 -5.07 4.04
N TYR A 76 -7.99 -5.09 4.01
CA TYR A 76 -8.85 -4.90 5.22
CA TYR A 76 -8.86 -4.91 5.17
C TYR A 76 -9.40 -6.26 5.67
C TYR A 76 -9.42 -6.25 5.65
N LEU A 77 -9.80 -7.13 4.71
CA LEU A 77 -10.33 -8.46 4.99
C LEU A 77 -9.23 -9.31 5.58
N PHE A 78 -8.00 -9.18 5.02
CA PHE A 78 -6.82 -9.87 5.57
C PHE A 78 -6.64 -9.56 7.06
N GLY A 79 -6.42 -8.29 7.39
CA GLY A 79 -6.22 -7.80 8.75
C GLY A 79 -7.40 -8.01 9.70
N LEU A 80 -8.64 -7.83 9.21
CA LEU A 80 -9.83 -8.01 10.05
C LEU A 80 -10.00 -9.46 10.49
N THR A 81 -10.09 -10.39 9.52
CA THR A 81 -10.27 -11.84 9.76
C THR A 81 -9.13 -12.37 10.61
N ARG A 82 -7.87 -12.01 10.30
CA ARG A 82 -6.67 -12.39 11.04
C ARG A 82 -6.76 -12.02 12.55
N GLU A 83 -7.08 -10.75 12.84
CA GLU A 83 -7.21 -10.22 14.21
C GLU A 83 -8.36 -10.82 14.97
N ILE A 84 -9.54 -10.97 14.34
CA ILE A 84 -10.70 -11.58 14.99
C ILE A 84 -10.35 -13.01 15.40
N GLN A 85 -9.92 -13.85 14.44
CA GLN A 85 -9.54 -15.24 14.70
C GLN A 85 -8.45 -15.33 15.77
N ASP A 86 -7.46 -14.41 15.73
CA ASP A 86 -6.38 -14.32 16.71
C ASP A 86 -6.92 -14.08 18.12
N HIS A 87 -7.87 -13.15 18.29
CA HIS A 87 -8.45 -12.87 19.60
C HIS A 87 -9.44 -13.94 20.05
N ALA A 88 -10.17 -14.56 19.09
CA ALA A 88 -11.12 -15.63 19.38
C ALA A 88 -10.39 -16.95 19.66
N SER A 89 -9.09 -17.05 19.29
CA SER A 89 -8.22 -18.20 19.58
C SER A 89 -7.91 -18.30 21.09
N GLN A 90 -8.67 -17.56 21.93
CA GLN A 90 -8.56 -17.52 23.38
C GLN A 90 -9.76 -18.24 24.03
N ASP A 91 -10.98 -17.96 23.53
CA ASP A 91 -12.24 -18.57 23.99
C ASP A 91 -13.07 -18.99 22.77
N TYR A 92 -13.35 -20.31 22.66
CA TYR A 92 -14.07 -20.95 21.55
C TYR A 92 -15.56 -21.14 21.79
N SER A 93 -16.06 -20.71 22.97
CA SER A 93 -17.48 -20.77 23.34
C SER A 93 -18.20 -19.61 22.65
N LYS A 94 -17.41 -18.60 22.20
CA LYS A 94 -17.86 -17.42 21.44
C LYS A 94 -18.35 -17.89 20.08
N TYR A 95 -17.66 -18.90 19.50
CA TYR A 95 -18.01 -19.52 18.21
C TYR A 95 -19.33 -20.34 18.33
N PRO A 96 -20.24 -20.27 17.34
CA PRO A 96 -20.22 -19.47 16.11
C PRO A 96 -20.71 -18.04 16.35
N PHE A 97 -20.22 -17.07 15.57
CA PHE A 97 -20.66 -15.68 15.67
C PHE A 97 -20.59 -14.95 14.32
N GLU A 98 -21.46 -13.92 14.17
CA GLU A 98 -21.56 -13.10 12.97
C GLU A 98 -21.15 -11.68 13.29
N VAL A 99 -20.54 -11.02 12.30
CA VAL A 99 -20.09 -9.65 12.37
C VAL A 99 -20.61 -9.01 11.10
N GLN A 100 -21.29 -7.89 11.26
CA GLN A 100 -21.91 -7.15 10.17
C GLN A 100 -21.40 -5.73 10.20
N VAL A 101 -20.97 -5.24 9.03
CA VAL A 101 -20.46 -3.90 8.84
C VAL A 101 -21.33 -3.23 7.77
N LYS A 102 -21.70 -1.95 7.98
CA LYS A 102 -22.41 -1.10 7.03
C LYS A 102 -21.65 0.22 7.05
N ALA A 103 -20.85 0.47 6.00
CA ALA A 103 -20.01 1.64 5.90
C ALA A 103 -20.30 2.36 4.62
N GLY A 104 -20.32 3.70 4.67
CA GLY A 104 -20.59 4.52 3.49
C GLY A 104 -20.66 6.02 3.75
N CYS A 105 -21.34 6.72 2.85
CA CYS A 105 -21.48 8.19 2.90
C CYS A 105 -22.87 8.65 2.60
N GLU A 106 -23.25 9.77 3.18
CA GLU A 106 -24.55 10.41 2.95
C GLU A 106 -24.34 11.83 2.46
N LEU A 107 -24.96 12.14 1.32
CA LEU A 107 -24.87 13.46 0.70
C LEU A 107 -26.08 14.36 0.95
N HIS A 108 -25.78 15.65 1.23
CA HIS A 108 -26.78 16.68 1.54
C HIS A 108 -26.62 17.95 0.67
N SER A 109 -27.76 18.57 0.30
CA SER A 109 -27.84 19.78 -0.52
C SER A 109 -27.22 21.00 0.18
N GLY A 110 -26.05 21.42 -0.31
CA GLY A 110 -25.30 22.55 0.23
C GLY A 110 -24.43 22.23 1.43
N LYS A 111 -24.77 21.15 2.16
CA LYS A 111 -24.08 20.68 3.37
C LYS A 111 -22.89 19.80 3.01
N SER A 112 -21.89 19.71 3.94
CA SER A 112 -20.73 18.84 3.81
C SER A 112 -21.22 17.37 3.93
N PRO A 113 -20.64 16.42 3.15
CA PRO A 113 -21.13 15.03 3.20
C PRO A 113 -20.81 14.26 4.47
N GLU A 114 -21.80 13.55 5.00
CA GLU A 114 -21.63 12.72 6.19
C GLU A 114 -21.03 11.38 5.78
N GLY A 115 -20.36 10.75 6.72
CA GLY A 115 -19.76 9.44 6.52
C GLY A 115 -20.11 8.57 7.70
N PHE A 116 -20.40 7.29 7.45
CA PHE A 116 -20.80 6.38 8.51
C PHE A 116 -20.11 5.02 8.46
N PHE A 117 -19.82 4.42 9.62
CA PHE A 117 -19.23 3.09 9.70
C PHE A 117 -19.81 2.45 10.93
N GLN A 118 -20.70 1.48 10.71
CA GLN A 118 -21.45 0.83 11.80
C GLN A 118 -21.14 -0.65 11.90
N VAL A 119 -20.86 -1.14 13.14
CA VAL A 119 -20.55 -2.56 13.36
C VAL A 119 -21.56 -3.21 14.34
N ALA A 120 -22.00 -4.43 13.99
CA ALA A 120 -22.91 -5.21 14.80
C ALA A 120 -22.39 -6.61 15.02
N PHE A 121 -22.31 -6.98 16.31
CA PHE A 121 -21.89 -8.30 16.73
C PHE A 121 -23.14 -9.11 17.12
N ASN A 122 -23.39 -10.20 16.39
CA ASN A 122 -24.52 -11.11 16.55
C ASN A 122 -25.91 -10.43 16.44
N GLY A 123 -26.08 -9.53 15.47
CA GLY A 123 -27.35 -8.85 15.24
C GLY A 123 -27.68 -7.75 16.21
N LEU A 124 -26.65 -7.23 16.90
CA LEU A 124 -26.76 -6.15 17.87
C LEU A 124 -25.63 -5.17 17.65
N ASP A 125 -25.95 -3.86 17.58
CA ASP A 125 -25.01 -2.75 17.43
C ASP A 125 -23.90 -2.92 18.47
N LEU A 126 -22.63 -2.82 18.00
CA LEU A 126 -21.40 -2.95 18.77
C LEU A 126 -20.60 -1.63 18.76
N LEU A 127 -20.29 -1.11 17.56
CA LEU A 127 -19.48 0.11 17.35
C LEU A 127 -20.09 1.08 16.36
N SER A 128 -19.42 2.23 16.23
CA SER A 128 -19.77 3.34 15.35
C SER A 128 -18.52 4.19 15.20
N PHE A 129 -18.26 4.71 14.01
CA PHE A 129 -17.15 5.63 13.85
C PHE A 129 -17.73 7.05 13.79
N GLN A 130 -17.48 7.86 14.83
CA GLN A 130 -18.02 9.21 14.95
C GLN A 130 -16.87 10.22 15.01
N ASN A 131 -16.86 11.17 14.06
CA ASN A 131 -15.79 12.19 13.87
C ASN A 131 -14.48 11.44 13.55
N THR A 132 -13.45 11.54 14.42
CA THR A 132 -12.16 10.85 14.26
C THR A 132 -12.02 9.70 15.30
N THR A 133 -13.14 9.32 15.96
CA THR A 133 -13.07 8.34 17.05
C THR A 133 -14.17 7.27 17.02
N TRP A 134 -13.77 6.01 17.31
CA TRP A 134 -14.64 4.84 17.44
C TRP A 134 -15.40 4.97 18.75
N VAL A 135 -16.74 4.89 18.66
CA VAL A 135 -17.68 5.00 19.76
C VAL A 135 -18.38 3.65 20.05
N PRO A 136 -18.38 3.15 21.31
CA PRO A 136 -19.05 1.88 21.60
C PRO A 136 -20.55 2.11 21.75
N SER A 137 -21.35 1.07 21.47
CA SER A 137 -22.80 1.15 21.57
C SER A 137 -23.23 1.38 23.01
N PRO A 138 -24.26 2.24 23.24
CA PRO A 138 -24.69 2.49 24.62
C PRO A 138 -25.20 1.20 25.27
N GLY A 139 -24.72 0.94 26.49
CA GLY A 139 -25.09 -0.22 27.31
C GLY A 139 -24.71 -1.60 26.80
N CYS A 140 -25.30 -2.01 25.64
CA CYS A 140 -25.10 -3.31 25.02
C CYS A 140 -23.68 -3.48 24.49
N GLY A 141 -22.90 -4.20 25.28
CA GLY A 141 -21.52 -4.51 24.95
C GLY A 141 -20.51 -4.12 26.02
N SER A 142 -19.77 -5.14 26.49
CA SER A 142 -18.61 -5.07 27.37
C SER A 142 -17.43 -5.16 26.39
N LEU A 143 -17.67 -5.88 25.24
CA LEU A 143 -16.77 -6.09 24.11
C LEU A 143 -16.63 -4.79 23.36
N ALA A 144 -17.72 -4.00 23.25
CA ALA A 144 -17.76 -2.69 22.58
C ALA A 144 -16.68 -1.76 23.11
N GLN A 145 -16.56 -1.62 24.45
CA GLN A 145 -15.56 -0.80 25.13
C GLN A 145 -14.16 -1.40 24.88
N SER A 146 -14.04 -2.75 24.91
CA SER A 146 -12.79 -3.51 24.69
C SER A 146 -12.18 -3.27 23.31
N VAL A 147 -13.02 -3.47 22.26
CA VAL A 147 -12.65 -3.34 20.87
C VAL A 147 -12.48 -1.87 20.51
N CYS A 148 -13.31 -0.95 21.07
CA CYS A 148 -13.10 0.47 20.83
C CYS A 148 -11.75 0.94 21.34
N HIS A 149 -11.31 0.39 22.50
CA HIS A 149 -10.00 0.70 23.07
C HIS A 149 -8.89 0.32 22.08
N LEU A 150 -8.92 -0.92 21.51
CA LEU A 150 -7.92 -1.37 20.53
C LEU A 150 -7.88 -0.44 19.35
N LEU A 151 -9.03 -0.20 18.73
CA LEU A 151 -9.12 0.61 17.54
C LEU A 151 -8.58 2.04 17.73
N ASN A 152 -8.96 2.69 18.83
CA ASN A 152 -8.56 4.06 19.13
C ASN A 152 -7.10 4.21 19.56
N HIS A 153 -6.48 3.15 20.13
CA HIS A 153 -5.12 3.20 20.67
C HIS A 153 -4.08 2.44 19.87
N GLN A 154 -4.44 1.29 19.31
CA GLN A 154 -3.55 0.45 18.51
C GLN A 154 -3.65 0.68 16.97
N TYR A 155 -4.87 0.99 16.43
CA TYR A 155 -5.10 1.10 14.97
C TYR A 155 -5.39 2.51 14.45
N GLU A 156 -4.70 3.50 14.97
CA GLU A 156 -4.84 4.90 14.55
C GLU A 156 -4.68 5.06 13.04
N GLY A 157 -3.71 4.36 12.45
CA GLY A 157 -3.42 4.38 11.01
C GLY A 157 -4.55 3.91 10.13
N VAL A 158 -5.13 2.71 10.44
CA VAL A 158 -6.24 2.18 9.66
C VAL A 158 -7.48 3.07 9.85
N THR A 159 -7.64 3.65 11.07
CA THR A 159 -8.72 4.57 11.39
C THR A 159 -8.67 5.76 10.45
N GLU A 160 -7.47 6.37 10.24
CA GLU A 160 -7.38 7.51 9.32
C GLU A 160 -7.54 7.08 7.82
N THR A 161 -7.35 5.78 7.47
CA THR A 161 -7.64 5.35 6.08
C THR A 161 -9.13 5.05 5.93
N VAL A 162 -9.80 4.69 7.06
CA VAL A 162 -11.25 4.49 7.11
C VAL A 162 -11.88 5.88 6.97
N TYR A 163 -11.45 6.85 7.83
CA TYR A 163 -11.92 8.23 7.79
C TYR A 163 -11.90 8.71 6.36
N ASN A 164 -10.73 8.65 5.68
CA ASN A 164 -10.55 9.10 4.29
C ASN A 164 -11.51 8.42 3.31
N LEU A 165 -11.70 7.11 3.47
CA LEU A 165 -12.52 6.29 2.60
C LEU A 165 -13.94 6.75 2.61
N ILE A 166 -14.54 6.82 3.81
CA ILE A 166 -15.95 7.14 4.01
C ILE A 166 -16.24 8.63 3.78
N ARG A 167 -15.25 9.52 4.04
CA ARG A 167 -15.51 10.95 3.90
C ARG A 167 -14.98 11.61 2.60
N SER A 168 -14.01 11.00 1.93
CA SER A 168 -13.47 11.56 0.69
C SER A 168 -13.71 10.64 -0.54
N THR A 169 -13.23 9.38 -0.51
CA THR A 169 -13.38 8.44 -1.61
C THR A 169 -14.82 8.15 -1.91
N CYS A 170 -15.62 7.85 -0.88
CA CYS A 170 -17.04 7.53 -0.99
C CYS A 170 -17.84 8.65 -1.71
N PRO A 171 -17.88 9.94 -1.24
CA PRO A 171 -18.64 10.97 -1.98
C PRO A 171 -18.22 11.09 -3.44
N ARG A 172 -16.89 11.16 -3.70
CA ARG A 172 -16.29 11.23 -5.04
C ARG A 172 -16.87 10.11 -5.89
N PHE A 173 -16.80 8.86 -5.35
CA PHE A 173 -17.36 7.70 -6.03
C PHE A 173 -18.84 7.90 -6.33
N LEU A 174 -19.69 8.01 -5.26
CA LEU A 174 -21.14 8.22 -5.25
C LEU A 174 -21.59 9.24 -6.29
N LEU A 175 -21.07 10.48 -6.25
CA LEU A 175 -21.43 11.52 -7.22
C LEU A 175 -21.28 11.09 -8.67
N GLY A 176 -20.19 10.39 -8.96
CA GLY A 176 -19.89 9.86 -10.30
C GLY A 176 -20.77 8.68 -10.69
N LEU A 177 -21.30 7.95 -9.69
CA LEU A 177 -22.17 6.79 -9.90
C LEU A 177 -23.60 7.30 -10.13
N LEU A 178 -24.05 8.26 -9.27
CA LEU A 178 -25.37 8.90 -9.37
C LEU A 178 -25.44 9.62 -10.75
N ASP A 179 -24.31 10.16 -11.25
CA ASP A 179 -24.27 10.77 -12.58
C ASP A 179 -24.33 9.67 -13.66
N ALA A 180 -23.52 8.61 -13.54
CA ALA A 180 -23.46 7.52 -14.50
C ALA A 180 -24.76 6.75 -14.67
N GLY A 181 -25.47 6.52 -13.57
CA GLY A 181 -26.74 5.78 -13.61
C GLY A 181 -28.00 6.58 -13.38
N LYS A 182 -27.95 7.88 -13.63
CA LYS A 182 -29.10 8.74 -13.43
C LYS A 182 -30.37 8.25 -14.14
N MET A 183 -30.23 7.71 -15.37
CA MET A 183 -31.35 7.23 -16.18
C MET A 183 -32.00 5.98 -15.66
N TYR A 184 -31.21 5.07 -15.04
CA TYR A 184 -31.72 3.82 -14.49
C TYR A 184 -32.34 4.09 -13.13
N VAL A 185 -31.62 4.80 -12.26
CA VAL A 185 -32.05 5.14 -10.90
C VAL A 185 -33.33 5.98 -10.90
N HIS A 186 -33.51 6.83 -11.93
CA HIS A 186 -34.72 7.67 -12.03
C HIS A 186 -35.69 7.21 -13.10
N ARG A 187 -35.53 5.97 -13.59
CA ARG A 187 -36.43 5.38 -14.57
C ARG A 187 -37.82 5.22 -13.92
N GLN A 188 -38.84 5.16 -14.76
CA GLN A 188 -40.20 4.99 -14.28
C GLN A 188 -40.81 3.80 -15.00
N VAL A 189 -41.18 2.77 -14.24
CA VAL A 189 -41.75 1.56 -14.82
C VAL A 189 -43.22 1.40 -14.40
N ARG A 190 -44.11 1.25 -15.37
CA ARG A 190 -45.53 1.14 -15.12
C ARG A 190 -45.94 -0.20 -14.48
N PRO A 191 -46.87 -0.19 -13.52
CA PRO A 191 -47.26 -1.45 -12.89
C PRO A 191 -48.21 -2.27 -13.75
N GLU A 192 -48.11 -3.58 -13.61
CA GLU A 192 -48.92 -4.58 -14.27
C GLU A 192 -49.86 -4.96 -13.15
N ALA A 193 -51.17 -4.79 -13.35
CA ALA A 193 -52.12 -5.07 -12.31
C ALA A 193 -53.16 -6.11 -12.73
N TRP A 194 -53.65 -6.88 -11.78
CA TRP A 194 -54.61 -7.95 -11.98
C TRP A 194 -55.34 -8.27 -10.69
N LEU A 195 -56.53 -8.87 -10.83
CA LEU A 195 -57.40 -9.27 -9.73
C LEU A 195 -57.46 -10.78 -9.69
N SER A 196 -57.61 -11.34 -8.47
CA SER A 196 -57.78 -12.78 -8.27
C SER A 196 -58.65 -13.01 -7.07
N SER A 197 -59.26 -14.18 -6.94
CA SER A 197 -60.11 -14.46 -5.80
C SER A 197 -59.75 -15.79 -5.25
N ARG A 198 -59.81 -15.88 -3.94
CA ARG A 198 -59.52 -17.06 -3.14
C ARG A 198 -60.73 -17.22 -2.22
N PRO A 199 -61.13 -18.44 -1.80
CA PRO A 199 -62.20 -18.51 -0.79
C PRO A 199 -61.62 -18.08 0.56
N SER A 200 -62.44 -17.45 1.39
CA SER A 200 -61.98 -17.03 2.72
C SER A 200 -62.00 -18.29 3.58
N LEU A 201 -60.81 -18.74 4.05
CA LEU A 201 -60.72 -19.94 4.89
C LEU A 201 -61.55 -19.71 6.16
N GLY A 202 -61.34 -18.57 6.83
CA GLY A 202 -62.11 -18.17 8.01
C GLY A 202 -63.47 -17.62 7.64
N GLN A 205 -68.43 -15.93 2.74
CA GLN A 205 -67.30 -15.00 2.64
C GLN A 205 -66.23 -15.46 1.61
N LEU A 206 -65.67 -14.50 0.86
CA LEU A 206 -64.68 -14.66 -0.22
C LEU A 206 -63.59 -13.58 -0.13
N LEU A 207 -62.32 -13.90 -0.51
CA LEU A 207 -61.23 -12.91 -0.50
C LEU A 207 -60.87 -12.49 -1.89
N LEU A 208 -60.98 -11.18 -2.17
CA LEU A 208 -60.62 -10.59 -3.45
C LEU A 208 -59.23 -10.00 -3.30
N VAL A 209 -58.33 -10.37 -4.20
CA VAL A 209 -56.97 -9.89 -4.13
C VAL A 209 -56.67 -9.00 -5.29
N CYS A 210 -56.07 -7.85 -4.99
CA CYS A 210 -55.62 -6.96 -6.01
C CYS A 210 -54.12 -6.92 -6.02
N HIS A 211 -53.53 -7.30 -7.15
CA HIS A 211 -52.10 -7.32 -7.33
C HIS A 211 -51.64 -6.20 -8.25
N ALA A 212 -50.45 -5.64 -7.95
CA ALA A 212 -49.74 -4.64 -8.71
C ALA A 212 -48.26 -5.08 -8.70
N SER A 213 -47.66 -5.31 -9.88
CA SER A 213 -46.29 -5.79 -9.95
C SER A 213 -45.47 -5.26 -11.12
N GLY A 214 -44.17 -5.14 -10.90
CA GLY A 214 -43.23 -4.71 -11.91
C GLY A 214 -43.13 -3.22 -12.06
N PHE A 215 -43.61 -2.49 -11.02
CA PHE A 215 -43.55 -1.03 -10.95
C PHE A 215 -42.27 -0.59 -10.28
N TYR A 216 -41.78 0.57 -10.69
CA TYR A 216 -40.56 1.21 -10.17
C TYR A 216 -40.71 2.75 -10.38
N PRO A 217 -40.43 3.60 -9.37
CA PRO A 217 -39.90 3.38 -8.01
C PRO A 217 -40.86 2.68 -7.04
N LYS A 218 -40.40 2.45 -5.76
CA LYS A 218 -41.14 1.77 -4.69
C LYS A 218 -42.49 2.39 -4.32
N PRO A 219 -42.65 3.74 -4.13
CA PRO A 219 -43.98 4.27 -3.73
C PRO A 219 -45.14 3.98 -4.70
N VAL A 220 -46.17 3.34 -4.16
CA VAL A 220 -47.39 2.94 -4.87
C VAL A 220 -48.56 2.90 -3.88
N TRP A 221 -49.80 3.03 -4.40
CA TRP A 221 -51.01 2.98 -3.61
C TRP A 221 -52.01 2.12 -4.30
N VAL A 222 -52.43 1.04 -3.62
CA VAL A 222 -53.41 0.09 -4.14
C VAL A 222 -54.64 0.14 -3.24
N THR A 223 -55.79 0.57 -3.80
CA THR A 223 -57.05 0.73 -3.04
C THR A 223 -58.21 -0.04 -3.66
N TRP A 224 -59.11 -0.56 -2.81
CA TRP A 224 -60.34 -1.21 -3.28
C TRP A 224 -61.41 -0.13 -3.26
N MET A 225 -62.22 -0.05 -4.30
CA MET A 225 -63.27 0.95 -4.43
C MET A 225 -64.63 0.29 -4.60
N ARG A 226 -65.69 1.04 -4.30
CA ARG A 226 -67.07 0.68 -4.59
C ARG A 226 -67.61 1.98 -5.18
N ASN A 227 -67.58 2.05 -6.52
CA ASN A 227 -67.88 3.22 -7.34
C ASN A 227 -66.81 4.27 -6.95
N GLU A 228 -67.21 5.53 -6.65
CA GLU A 228 -66.24 6.54 -6.29
C GLU A 228 -65.71 6.46 -4.82
N GLN A 229 -66.27 5.56 -3.96
CA GLN A 229 -65.88 5.39 -2.54
C GLN A 229 -64.73 4.44 -2.28
N GLU A 230 -63.68 4.92 -1.55
CA GLU A 230 -62.55 4.07 -1.14
C GLU A 230 -63.09 3.04 -0.11
N GLN A 231 -62.56 1.80 -0.14
CA GLN A 231 -63.04 0.72 0.70
C GLN A 231 -61.91 0.17 1.50
N LEU A 232 -61.95 0.36 2.83
CA LEU A 232 -60.95 -0.09 3.80
C LEU A 232 -60.64 -1.57 3.58
N GLY A 233 -59.41 -1.84 3.20
CA GLY A 233 -58.95 -3.19 2.94
C GLY A 233 -58.92 -4.07 4.17
N THR A 234 -58.95 -5.38 3.92
CA THR A 234 -58.91 -6.40 4.96
C THR A 234 -57.45 -6.62 5.37
N LYS A 235 -56.54 -6.81 4.41
CA LYS A 235 -55.12 -6.99 4.68
C LYS A 235 -54.37 -6.27 3.58
N HIS A 236 -53.40 -5.44 3.98
N HIS A 236 -53.39 -5.42 3.97
CA HIS A 236 -52.56 -4.67 3.07
CA HIS A 236 -52.54 -4.65 3.06
C HIS A 236 -51.16 -5.26 3.14
C HIS A 236 -51.15 -5.25 3.13
N GLY A 237 -50.65 -5.70 1.99
CA GLY A 237 -49.33 -6.32 1.91
C GLY A 237 -48.17 -5.36 2.11
N ASP A 238 -46.96 -5.93 2.17
CA ASP A 238 -45.72 -5.16 2.25
C ASP A 238 -45.25 -5.02 0.78
N ILE A 239 -44.51 -3.96 0.43
CA ILE A 239 -43.97 -3.87 -0.94
C ILE A 239 -42.76 -4.85 -0.99
N LEU A 240 -42.86 -5.81 -1.90
CA LEU A 240 -41.89 -6.88 -1.99
C LEU A 240 -41.08 -6.82 -3.27
N PRO A 241 -39.83 -7.29 -3.24
CA PRO A 241 -39.00 -7.19 -4.44
C PRO A 241 -39.30 -8.22 -5.51
N ASN A 242 -38.93 -7.88 -6.74
CA ASN A 242 -38.92 -8.72 -7.93
C ASN A 242 -37.45 -8.72 -8.28
N ALA A 243 -36.96 -9.74 -9.00
CA ALA A 243 -35.55 -9.78 -9.38
C ALA A 243 -35.14 -8.62 -10.33
N ASP A 244 -36.11 -8.07 -11.16
CA ASP A 244 -35.96 -6.95 -12.12
C ASP A 244 -35.32 -5.72 -11.55
N GLY A 245 -35.63 -5.48 -10.29
CA GLY A 245 -35.29 -4.29 -9.55
C GLY A 245 -36.60 -3.61 -9.19
N THR A 246 -37.70 -4.08 -9.83
CA THR A 246 -39.09 -3.63 -9.66
C THR A 246 -39.74 -4.16 -8.39
N TRP A 247 -41.01 -3.78 -8.17
CA TRP A 247 -41.74 -4.13 -6.94
C TRP A 247 -43.08 -4.82 -7.12
N TYR A 248 -43.58 -5.40 -6.02
CA TYR A 248 -44.85 -6.11 -5.94
C TYR A 248 -45.61 -5.66 -4.69
N LEU A 249 -46.94 -5.55 -4.81
CA LEU A 249 -47.85 -5.22 -3.72
C LEU A 249 -49.22 -5.85 -3.97
N GLN A 250 -49.81 -6.40 -2.89
CA GLN A 250 -51.17 -6.92 -2.94
C GLN A 250 -52.01 -6.40 -1.78
N VAL A 251 -53.30 -6.14 -2.06
CA VAL A 251 -54.30 -5.68 -1.09
C VAL A 251 -55.47 -6.62 -1.19
N ILE A 252 -55.86 -7.23 -0.04
CA ILE A 252 -57.00 -8.15 0.04
C ILE A 252 -58.23 -7.41 0.59
N LEU A 253 -59.41 -7.75 0.05
CA LEU A 253 -60.71 -7.29 0.53
C LEU A 253 -61.59 -8.54 0.68
N GLU A 254 -62.06 -8.78 1.91
CA GLU A 254 -62.97 -9.87 2.25
C GLU A 254 -64.39 -9.37 1.95
N VAL A 255 -65.14 -10.11 1.13
CA VAL A 255 -66.52 -9.77 0.70
C VAL A 255 -67.50 -10.95 0.82
N ALA A 256 -68.83 -10.68 0.85
CA ALA A 256 -69.83 -11.78 0.81
C ALA A 256 -69.86 -12.25 -0.67
N SER A 257 -69.83 -13.59 -0.93
CA SER A 257 -69.72 -14.18 -2.28
C SER A 257 -70.59 -13.51 -3.41
N GLU A 258 -69.96 -13.36 -4.61
CA GLU A 258 -70.53 -12.75 -5.84
C GLU A 258 -70.86 -11.27 -5.68
N ALA A 261 -69.57 -6.92 -9.10
CA ALA A 261 -70.79 -6.38 -8.48
C ALA A 261 -70.59 -4.94 -7.94
N GLY A 262 -69.95 -4.09 -8.75
CA GLY A 262 -69.66 -2.70 -8.42
C GLY A 262 -68.33 -2.47 -7.71
N LEU A 263 -67.42 -3.48 -7.74
CA LEU A 263 -66.12 -3.35 -7.07
C LEU A 263 -64.95 -3.26 -8.03
N SER A 264 -64.15 -2.24 -7.82
CA SER A 264 -62.95 -1.99 -8.60
C SER A 264 -61.74 -1.85 -7.65
N CYS A 265 -60.53 -1.99 -8.20
CA CYS A 265 -59.28 -1.80 -7.52
C CYS A 265 -58.57 -0.66 -8.24
N ARG A 266 -58.02 0.29 -7.50
CA ARG A 266 -57.34 1.44 -8.05
C ARG A 266 -55.84 1.44 -7.75
N VAL A 267 -55.01 1.26 -8.78
CA VAL A 267 -53.54 1.27 -8.61
C VAL A 267 -53.04 2.68 -8.98
N ARG A 268 -52.35 3.36 -8.04
CA ARG A 268 -51.83 4.72 -8.20
C ARG A 268 -50.32 4.69 -8.08
N HIS A 269 -49.62 5.15 -9.13
CA HIS A 269 -48.18 5.15 -9.24
C HIS A 269 -47.64 6.30 -10.10
N SER A 270 -46.52 6.88 -9.67
CA SER A 270 -45.79 7.99 -10.34
C SER A 270 -45.63 7.83 -11.86
N SER A 271 -45.45 6.58 -12.33
CA SER A 271 -45.20 6.23 -13.72
C SER A 271 -46.38 6.49 -14.59
N LEU A 272 -47.60 6.34 -14.00
CA LEU A 272 -48.90 6.50 -14.68
C LEU A 272 -49.35 7.98 -14.96
N GLY A 273 -48.51 8.95 -14.58
CA GLY A 273 -48.70 10.38 -14.80
C GLY A 273 -50.08 10.99 -14.57
N GLY A 274 -50.58 10.87 -13.33
CA GLY A 274 -51.86 11.45 -12.93
C GLY A 274 -53.02 10.47 -13.00
N GLN A 275 -53.08 9.68 -14.09
CA GLN A 275 -54.14 8.70 -14.29
C GLN A 275 -53.84 7.41 -13.52
N ASP A 276 -54.84 6.86 -12.80
CA ASP A 276 -54.70 5.61 -12.03
C ASP A 276 -55.26 4.44 -12.81
N ILE A 277 -54.71 3.23 -12.62
CA ILE A 277 -55.23 2.03 -13.30
C ILE A 277 -56.44 1.58 -12.50
N ILE A 278 -57.61 1.45 -13.13
CA ILE A 278 -58.82 1.03 -12.46
C ILE A 278 -59.20 -0.33 -12.99
N LEU A 279 -59.34 -1.32 -12.11
CA LEU A 279 -59.65 -2.70 -12.50
C LEU A 279 -60.96 -3.14 -11.91
N TYR A 280 -61.88 -3.56 -12.79
CA TYR A 280 -63.22 -3.97 -12.40
C TYR A 280 -63.31 -5.45 -12.30
N TRP A 281 -64.07 -5.92 -11.30
CA TRP A 281 -64.33 -7.31 -10.98
C TRP A 281 -65.63 -7.84 -11.68
N GLY A 282 -65.55 -9.08 -12.18
CA GLY A 282 -66.65 -9.77 -12.84
C GLY A 282 -66.46 -11.26 -12.90
N GLN B 5 -31.42 -13.59 18.14
CA GLN B 5 -31.97 -14.70 17.36
C GLN B 5 -33.45 -14.48 16.87
N ARG B 6 -33.63 -13.99 15.59
CA ARG B 6 -34.92 -13.68 14.94
C ARG B 6 -35.41 -14.75 13.92
N THR B 7 -36.75 -14.98 13.85
CA THR B 7 -37.44 -15.94 12.96
C THR B 7 -37.69 -15.44 11.51
N PRO B 8 -37.40 -16.28 10.47
CA PRO B 8 -37.66 -15.86 9.08
C PRO B 8 -39.14 -15.69 8.72
N LYS B 9 -39.44 -14.63 7.95
CA LYS B 9 -40.78 -14.36 7.43
C LYS B 9 -40.72 -14.87 5.99
N ILE B 10 -41.72 -15.65 5.54
CA ILE B 10 -41.72 -16.20 4.18
C ILE B 10 -42.92 -15.71 3.38
N GLN B 11 -42.68 -15.09 2.20
CA GLN B 11 -43.76 -14.56 1.35
C GLN B 11 -43.63 -15.07 -0.07
N VAL B 12 -44.62 -15.85 -0.55
CA VAL B 12 -44.58 -16.40 -1.91
C VAL B 12 -45.57 -15.63 -2.80
N TYR B 13 -45.09 -15.23 -4.00
CA TYR B 13 -45.82 -14.41 -4.97
C TYR B 13 -45.23 -14.55 -6.37
N SER B 14 -46.02 -14.30 -7.41
CA SER B 14 -45.58 -14.39 -8.80
C SER B 14 -45.27 -13.01 -9.38
N ARG B 15 -44.30 -12.95 -10.28
CA ARG B 15 -43.85 -11.75 -10.97
C ARG B 15 -44.96 -11.06 -11.84
N HIS B 16 -45.73 -11.88 -12.61
CA HIS B 16 -46.78 -11.44 -13.53
C HIS B 16 -48.07 -12.21 -13.22
N PRO B 17 -49.25 -11.76 -13.70
CA PRO B 17 -50.47 -12.56 -13.49
C PRO B 17 -50.26 -14.00 -13.97
N ALA B 18 -50.66 -14.97 -13.15
CA ALA B 18 -50.50 -16.37 -13.52
C ALA B 18 -51.59 -16.84 -14.49
N GLU B 19 -51.18 -17.09 -15.74
CA GLU B 19 -52.02 -17.64 -16.80
C GLU B 19 -51.47 -19.05 -17.06
N ASN B 20 -52.34 -20.07 -16.92
CA ASN B 20 -51.97 -21.48 -17.12
C ASN B 20 -51.34 -21.71 -18.52
N GLY B 21 -50.09 -22.12 -18.51
CA GLY B 21 -49.34 -22.34 -19.73
C GLY B 21 -48.87 -21.03 -20.32
N LYS B 22 -48.07 -20.29 -19.56
CA LYS B 22 -47.44 -19.02 -19.88
C LYS B 22 -46.32 -18.87 -18.83
N SER B 23 -45.03 -18.78 -19.28
CA SER B 23 -43.88 -18.67 -18.37
C SER B 23 -44.04 -17.44 -17.50
N ASN B 24 -43.58 -17.55 -16.26
CA ASN B 24 -43.71 -16.53 -15.24
C ASN B 24 -42.47 -16.64 -14.37
N PHE B 25 -42.51 -16.03 -13.21
CA PHE B 25 -41.46 -16.10 -12.22
C PHE B 25 -42.10 -16.22 -10.86
N LEU B 26 -41.67 -17.23 -10.08
CA LEU B 26 -42.17 -17.46 -8.73
C LEU B 26 -41.14 -16.91 -7.75
N ASN B 27 -41.57 -15.98 -6.89
CA ASN B 27 -40.72 -15.37 -5.89
C ASN B 27 -41.05 -15.86 -4.52
N CYS B 28 -39.98 -16.12 -3.75
CA CYS B 28 -40.07 -16.45 -2.34
C CYS B 28 -39.18 -15.46 -1.61
N TYR B 29 -39.79 -14.61 -0.80
CA TYR B 29 -39.07 -13.56 -0.12
C TYR B 29 -38.95 -13.85 1.37
N VAL B 30 -37.70 -14.19 1.77
CA VAL B 30 -37.30 -14.55 3.12
C VAL B 30 -36.64 -13.37 3.79
N SER B 31 -37.27 -12.84 4.85
CA SER B 31 -36.84 -11.64 5.58
C SER B 31 -36.85 -11.82 7.10
N GLY B 32 -36.26 -10.84 7.79
CA GLY B 32 -36.23 -10.69 9.25
C GLY B 32 -35.60 -11.78 10.07
N PHE B 33 -34.75 -12.62 9.47
CA PHE B 33 -34.09 -13.70 10.19
C PHE B 33 -32.67 -13.37 10.66
N HIS B 34 -32.22 -14.05 11.73
CA HIS B 34 -30.88 -13.94 12.29
C HIS B 34 -30.58 -15.19 13.12
N PRO B 35 -29.43 -15.90 12.97
CA PRO B 35 -28.27 -15.64 12.07
C PRO B 35 -28.53 -15.89 10.58
N SER B 36 -27.57 -15.51 9.71
CA SER B 36 -27.62 -15.60 8.24
C SER B 36 -27.75 -17.01 7.67
N ASP B 37 -27.39 -18.05 8.45
CA ASP B 37 -27.42 -19.41 7.94
C ASP B 37 -28.87 -19.79 7.70
N ILE B 38 -29.24 -20.03 6.44
CA ILE B 38 -30.62 -20.37 6.03
C ILE B 38 -30.56 -21.39 4.87
N GLU B 39 -31.63 -22.20 4.74
CA GLU B 39 -31.78 -23.17 3.66
C GLU B 39 -33.16 -22.95 3.02
N VAL B 40 -33.18 -22.35 1.83
CA VAL B 40 -34.41 -22.04 1.11
C VAL B 40 -34.50 -22.87 -0.15
N ASP B 41 -35.66 -23.59 -0.30
CA ASP B 41 -35.99 -24.47 -1.42
C ASP B 41 -37.34 -24.10 -1.99
N LEU B 42 -37.44 -23.98 -3.33
CA LEU B 42 -38.74 -23.75 -3.99
C LEU B 42 -39.20 -25.12 -4.45
N LEU B 43 -40.41 -25.55 -4.04
CA LEU B 43 -40.95 -26.88 -4.39
C LEU B 43 -42.00 -26.81 -5.49
N LYS B 44 -41.95 -27.76 -6.46
CA LYS B 44 -42.94 -27.82 -7.56
C LYS B 44 -44.22 -28.48 -7.10
N ASN B 45 -44.13 -29.69 -6.54
CA ASN B 45 -45.30 -30.42 -6.05
C ASN B 45 -44.86 -31.19 -4.82
N GLY B 46 -44.07 -30.54 -3.99
CA GLY B 46 -43.45 -31.15 -2.81
C GLY B 46 -42.01 -31.52 -3.13
N GLU B 47 -41.68 -31.57 -4.45
CA GLU B 47 -40.36 -31.87 -4.99
C GLU B 47 -39.55 -30.58 -5.17
N ARG B 48 -38.27 -30.62 -4.84
CA ARG B 48 -37.36 -29.47 -4.90
C ARG B 48 -37.01 -29.05 -6.35
N ILE B 49 -37.27 -27.77 -6.69
CA ILE B 49 -36.93 -27.20 -8.00
C ILE B 49 -35.44 -26.89 -7.96
N GLU B 50 -34.70 -27.35 -8.98
CA GLU B 50 -33.23 -27.24 -9.05
C GLU B 50 -32.67 -25.91 -9.58
N LYS B 51 -33.20 -25.37 -10.71
CA LYS B 51 -32.67 -24.13 -11.31
C LYS B 51 -33.18 -22.85 -10.62
N VAL B 52 -33.01 -22.77 -9.29
CA VAL B 52 -33.45 -21.63 -8.47
C VAL B 52 -32.32 -20.63 -8.27
N GLU B 53 -32.56 -19.40 -8.70
CA GLU B 53 -31.63 -18.30 -8.53
C GLU B 53 -32.00 -17.54 -7.26
N HIS B 54 -31.08 -16.74 -6.74
CA HIS B 54 -31.35 -15.89 -5.58
C HIS B 54 -30.54 -14.62 -5.60
N SER B 55 -31.05 -13.61 -4.88
CA SER B 55 -30.39 -12.33 -4.74
C SER B 55 -29.23 -12.50 -3.75
N ASP B 56 -28.33 -11.51 -3.72
CA ASP B 56 -27.21 -11.49 -2.80
C ASP B 56 -27.75 -11.21 -1.41
N LEU B 57 -27.26 -11.94 -0.41
CA LEU B 57 -27.72 -11.76 0.97
C LEU B 57 -27.48 -10.32 1.39
N SER B 58 -28.48 -9.75 2.05
CA SER B 58 -28.50 -8.37 2.53
C SER B 58 -29.14 -8.33 3.92
N PHE B 59 -29.14 -7.15 4.56
CA PHE B 59 -29.74 -6.96 5.88
C PHE B 59 -30.40 -5.56 6.05
N SER B 60 -31.45 -5.50 6.89
CA SER B 60 -32.25 -4.30 7.21
C SER B 60 -31.57 -3.41 8.25
N LYS B 61 -32.21 -2.26 8.64
CA LYS B 61 -31.69 -1.30 9.63
C LYS B 61 -31.52 -1.91 11.02
N ASP B 62 -32.33 -2.94 11.31
CA ASP B 62 -32.28 -3.66 12.57
C ASP B 62 -31.28 -4.81 12.56
N TRP B 63 -30.52 -4.95 11.44
CA TRP B 63 -29.47 -5.98 11.19
C TRP B 63 -30.01 -7.37 10.83
N SER B 64 -31.34 -7.53 10.70
CA SER B 64 -31.90 -8.83 10.35
C SER B 64 -31.76 -9.01 8.87
N PHE B 65 -31.58 -10.26 8.43
CA PHE B 65 -31.32 -10.56 7.03
C PHE B 65 -32.56 -10.70 6.22
N TYR B 66 -32.39 -10.54 4.89
CA TYR B 66 -33.41 -10.68 3.85
C TYR B 66 -32.74 -11.10 2.55
N LEU B 67 -33.49 -11.81 1.71
CA LEU B 67 -33.00 -12.51 0.54
C LEU B 67 -34.19 -12.89 -0.35
N LEU B 68 -33.97 -12.93 -1.69
CA LEU B 68 -35.05 -13.26 -2.64
C LEU B 68 -34.72 -14.48 -3.48
N TYR B 69 -35.56 -15.50 -3.41
CA TYR B 69 -35.39 -16.69 -4.22
C TYR B 69 -36.38 -16.67 -5.36
N TYR B 70 -35.88 -16.83 -6.58
CA TYR B 70 -36.76 -16.79 -7.73
C TYR B 70 -36.45 -17.87 -8.72
N THR B 71 -37.50 -18.34 -9.42
CA THR B 71 -37.40 -19.37 -10.44
C THR B 71 -38.34 -19.04 -11.59
N GLU B 72 -37.92 -19.39 -12.82
CA GLU B 72 -38.76 -19.29 -14.01
C GLU B 72 -39.70 -20.51 -13.94
N PHE B 73 -41.00 -20.30 -14.10
CA PHE B 73 -41.94 -21.41 -14.03
C PHE B 73 -43.13 -21.24 -14.94
N THR B 74 -43.72 -22.36 -15.40
CA THR B 74 -44.89 -22.37 -16.26
C THR B 74 -46.03 -23.06 -15.49
N PRO B 75 -47.00 -22.26 -14.97
CA PRO B 75 -48.05 -22.85 -14.16
C PRO B 75 -49.16 -23.53 -14.96
N THR B 76 -49.80 -24.55 -14.38
CA THR B 76 -50.93 -25.30 -14.96
C THR B 76 -51.84 -25.77 -13.85
N GLU B 77 -53.02 -26.28 -14.20
CA GLU B 77 -53.95 -26.83 -13.22
C GLU B 77 -53.31 -28.08 -12.62
N LYS B 78 -53.52 -28.29 -11.30
CA LYS B 78 -53.03 -29.42 -10.50
C LYS B 78 -51.48 -29.41 -10.31
N ASP B 79 -50.84 -28.23 -10.48
CA ASP B 79 -49.41 -28.01 -10.26
C ASP B 79 -49.34 -27.03 -9.08
N GLU B 80 -49.14 -27.54 -7.85
CA GLU B 80 -49.15 -26.76 -6.60
C GLU B 80 -47.72 -26.39 -6.07
N TYR B 81 -47.29 -25.13 -6.25
CA TYR B 81 -45.95 -24.66 -5.84
C TYR B 81 -45.86 -24.09 -4.40
N ALA B 82 -44.67 -24.21 -3.77
CA ALA B 82 -44.38 -23.74 -2.42
C ALA B 82 -42.90 -23.36 -2.21
N CYS B 83 -42.60 -22.79 -1.04
CA CYS B 83 -41.28 -22.39 -0.62
C CYS B 83 -41.00 -23.01 0.77
N ARG B 84 -39.92 -23.82 0.90
CA ARG B 84 -39.51 -24.50 2.13
C ARG B 84 -38.23 -23.91 2.75
N VAL B 85 -38.35 -23.47 4.02
CA VAL B 85 -37.30 -22.79 4.77
C VAL B 85 -36.91 -23.52 6.07
N ASN B 86 -35.59 -23.77 6.23
CA ASN B 86 -35.04 -24.33 7.46
C ASN B 86 -34.00 -23.34 8.00
N HIS B 87 -34.20 -22.97 9.27
CA HIS B 87 -33.41 -22.03 10.07
C HIS B 87 -33.33 -22.55 11.53
N VAL B 88 -32.32 -22.06 12.30
CA VAL B 88 -32.05 -22.45 13.71
C VAL B 88 -33.27 -22.17 14.61
N THR B 89 -34.00 -21.08 14.28
CA THR B 89 -35.19 -20.63 15.00
C THR B 89 -36.45 -21.44 14.64
N LEU B 90 -36.31 -22.50 13.80
CA LEU B 90 -37.44 -23.32 13.35
C LEU B 90 -37.24 -24.78 13.67
N SER B 91 -38.13 -25.30 14.54
CA SER B 91 -38.17 -26.67 15.02
C SER B 91 -38.21 -27.66 13.86
N GLN B 92 -39.11 -27.38 12.88
CA GLN B 92 -39.31 -28.19 11.68
C GLN B 92 -39.30 -27.23 10.45
N PRO B 93 -38.82 -27.66 9.24
CA PRO B 93 -38.86 -26.74 8.07
C PRO B 93 -40.25 -26.11 7.86
N LYS B 94 -40.29 -24.78 7.61
CA LYS B 94 -41.54 -24.05 7.40
C LYS B 94 -41.83 -24.04 5.92
N ILE B 95 -43.05 -24.42 5.53
CA ILE B 95 -43.47 -24.43 4.13
C ILE B 95 -44.61 -23.44 3.86
N VAL B 96 -44.30 -22.39 3.06
CA VAL B 96 -45.31 -21.42 2.65
C VAL B 96 -45.78 -21.77 1.21
N LYS B 97 -47.07 -22.10 1.03
CA LYS B 97 -47.60 -22.45 -0.29
C LYS B 97 -47.92 -21.19 -1.15
N TRP B 98 -47.77 -21.31 -2.48
CA TRP B 98 -48.11 -20.23 -3.41
C TRP B 98 -49.56 -20.33 -3.78
N ASP B 99 -50.34 -19.31 -3.40
CA ASP B 99 -51.76 -19.24 -3.67
C ASP B 99 -52.07 -18.80 -5.09
N ARG B 100 -52.22 -19.76 -6.03
CA ARG B 100 -52.66 -19.52 -7.40
C ARG B 100 -54.18 -19.35 -7.13
N ASP B 101 -54.78 -18.20 -7.51
CA ASP B 101 -56.17 -17.91 -7.10
C ASP B 101 -57.24 -18.05 -8.23
N MET B 102 -58.10 -19.09 -8.09
CA MET B 102 -59.18 -19.43 -9.02
C MET B 102 -60.54 -18.94 -8.51
N GLN C 3 5.29 5.08 -14.10
CA GLN C 3 5.74 5.51 -12.76
C GLN C 3 4.63 6.34 -12.09
N GLN C 4 4.05 5.82 -10.98
CA GLN C 4 2.92 6.48 -10.32
C GLN C 4 3.38 7.46 -9.31
N VAL C 5 4.62 7.33 -8.87
CA VAL C 5 5.25 8.25 -7.95
C VAL C 5 6.50 8.67 -8.68
N LYS C 6 6.62 9.98 -8.97
CA LYS C 6 7.72 10.55 -9.74
C LYS C 6 8.43 11.62 -8.97
N GLN C 7 9.74 11.41 -8.80
CA GLN C 7 10.63 12.33 -8.17
C GLN C 7 11.57 12.79 -9.25
N ASN C 8 11.19 13.85 -9.99
CA ASN C 8 12.08 14.42 -11.01
C ASN C 8 13.09 15.23 -10.15
N SER C 9 14.30 15.51 -10.67
CA SER C 9 15.48 16.07 -9.99
C SER C 9 16.13 14.90 -9.25
N PRO C 10 17.05 14.17 -9.93
CA PRO C 10 17.73 13.04 -9.30
C PRO C 10 18.74 13.48 -8.24
N SER C 11 19.20 14.75 -8.33
CA SER C 11 20.15 15.31 -7.38
C SER C 11 19.88 16.79 -7.12
N LEU C 12 20.35 17.28 -5.94
CA LEU C 12 20.22 18.64 -5.40
C LEU C 12 21.40 19.04 -4.59
N SER C 13 21.81 20.29 -4.71
CA SER C 13 22.90 20.83 -3.92
C SER C 13 22.42 22.08 -3.18
N VAL C 14 22.53 22.04 -1.85
CA VAL C 14 22.09 23.11 -0.96
C VAL C 14 23.19 23.47 0.03
N GLN C 15 23.36 24.75 0.27
CA GLN C 15 24.32 25.23 1.24
C GLN C 15 23.83 24.93 2.66
N GLU C 16 24.77 24.52 3.52
CA GLU C 16 24.61 24.30 4.94
C GLU C 16 23.98 25.60 5.47
N GLY C 17 22.90 25.44 6.23
CA GLY C 17 22.15 26.53 6.81
C GLY C 17 20.93 26.97 6.03
N ARG C 18 20.74 26.52 4.75
CA ARG C 18 19.60 26.94 3.89
C ARG C 18 18.48 25.89 3.71
N ILE C 19 17.30 26.31 3.27
CA ILE C 19 16.17 25.39 3.01
C ILE C 19 16.51 24.38 1.91
N SER C 20 16.13 23.12 2.14
CA SER C 20 16.23 22.01 1.21
C SER C 20 14.80 21.64 0.91
N ILE C 21 14.41 21.73 -0.35
CA ILE C 21 13.07 21.35 -0.76
C ILE C 21 13.20 20.21 -1.73
N LEU C 22 12.69 19.06 -1.32
CA LEU C 22 12.58 17.84 -2.10
C LEU C 22 11.12 17.78 -2.59
N ASN C 23 10.91 17.51 -3.86
CA ASN C 23 9.58 17.47 -4.49
C ASN C 23 9.21 16.11 -5.05
N CYS C 24 7.93 15.86 -5.10
CA CYS C 24 7.41 14.59 -5.54
C CYS C 24 6.03 14.77 -6.19
N ASP C 25 5.69 13.96 -7.19
CA ASP C 25 4.39 14.05 -7.87
C ASP C 25 3.81 12.67 -7.98
N TYR C 26 2.55 12.50 -7.62
CA TYR C 26 1.89 11.21 -7.72
C TYR C 26 0.79 11.28 -8.75
N THR C 27 0.44 10.13 -9.32
CA THR C 27 -0.60 10.11 -10.36
C THR C 27 -1.86 9.44 -9.90
N ASN C 28 -1.78 8.53 -8.90
CA ASN C 28 -2.89 7.76 -8.37
C ASN C 28 -3.77 8.51 -7.37
N SER C 29 -5.01 8.72 -7.78
CA SER C 29 -6.06 9.37 -7.01
C SER C 29 -6.45 8.57 -5.77
N MET C 30 -6.03 7.29 -5.72
CA MET C 30 -6.36 6.37 -4.64
C MET C 30 -5.32 6.29 -3.52
N PHE C 31 -4.19 7.05 -3.60
CA PHE C 31 -3.16 7.05 -2.58
C PHE C 31 -3.70 7.80 -1.39
N ASP C 32 -3.65 7.20 -0.18
CA ASP C 32 -4.20 7.78 1.04
C ASP C 32 -3.16 8.15 2.09
N TYR C 33 -1.89 7.82 1.82
CA TYR C 33 -0.80 8.06 2.76
C TYR C 33 0.45 8.20 2.01
N PHE C 34 1.24 9.19 2.40
CA PHE C 34 2.49 9.54 1.76
C PHE C 34 3.56 9.60 2.77
N LEU C 35 4.68 8.92 2.48
CA LEU C 35 5.84 8.85 3.39
C LEU C 35 7.18 9.34 2.71
N TRP C 36 8.15 9.76 3.52
CA TRP C 36 9.51 10.13 3.08
C TRP C 36 10.53 9.30 3.86
N TYR C 37 11.56 8.84 3.13
CA TYR C 37 12.66 8.01 3.66
C TYR C 37 13.97 8.66 3.32
N LYS C 38 14.96 8.54 4.22
CA LYS C 38 16.32 9.06 4.11
C LYS C 38 17.16 7.81 3.93
N LYS C 39 18.10 7.80 2.99
CA LYS C 39 18.97 6.64 2.82
C LYS C 39 20.46 7.04 2.76
N TYR C 40 21.28 6.49 3.66
CA TYR C 40 22.73 6.73 3.63
C TYR C 40 23.43 5.60 2.83
N PRO C 41 24.56 5.91 2.14
CA PRO C 41 25.27 4.86 1.39
C PRO C 41 25.69 3.73 2.31
N ALA C 42 25.51 2.48 1.88
CA ALA C 42 25.81 1.25 2.64
C ALA C 42 24.82 0.95 3.80
N GLU C 43 23.79 1.78 3.96
CA GLU C 43 22.73 1.57 4.94
C GLU C 43 21.38 1.42 4.19
N GLY C 44 20.39 0.79 4.82
CA GLY C 44 19.04 0.71 4.23
C GLY C 44 18.23 1.97 4.50
N PRO C 45 17.25 2.35 3.65
CA PRO C 45 16.45 3.54 3.95
C PRO C 45 15.86 3.53 5.36
N THR C 46 15.72 4.73 5.95
CA THR C 46 15.07 4.91 7.24
C THR C 46 13.91 5.86 7.09
N PHE C 47 12.78 5.55 7.76
CA PHE C 47 11.58 6.39 7.80
C PHE C 47 11.95 7.78 8.27
N LEU C 48 11.37 8.80 7.65
CA LEU C 48 11.70 10.17 8.07
C LEU C 48 10.45 10.92 8.58
N ILE C 49 9.43 11.08 7.72
CA ILE C 49 8.18 11.82 7.97
C ILE C 49 7.03 11.37 7.02
N SER C 50 5.80 11.49 7.48
CA SER C 50 4.64 11.04 6.70
C SER C 50 3.48 12.01 6.83
N ILE C 51 2.46 11.81 6.01
CA ILE C 51 1.26 12.64 6.01
C ILE C 51 0.16 11.81 5.40
N SER C 52 -1.00 11.81 6.03
CA SER C 52 -2.24 11.20 5.58
C SER C 52 -2.88 12.16 4.57
N SER C 53 -3.64 11.64 3.60
CA SER C 53 -4.33 12.52 2.65
C SER C 53 -5.47 13.35 3.29
N ILE C 54 -5.64 13.23 4.62
CA ILE C 54 -6.65 13.97 5.38
C ILE C 54 -6.05 15.34 5.65
N LYS C 55 -4.75 15.37 5.97
CA LYS C 55 -3.97 16.56 6.27
C LYS C 55 -3.33 17.13 4.99
N ASP C 56 -2.85 18.37 5.06
CA ASP C 56 -2.16 19.06 3.95
C ASP C 56 -0.76 19.58 4.37
N LYS C 57 -0.41 19.46 5.67
CA LYS C 57 0.87 19.86 6.21
C LYS C 57 1.22 19.04 7.46
N ASN C 58 2.51 18.69 7.61
CA ASN C 58 2.99 17.97 8.79
C ASN C 58 4.40 18.42 9.14
N GLU C 59 4.54 18.91 10.36
CA GLU C 59 5.77 19.47 10.87
C GLU C 59 6.25 18.62 12.00
N ASP C 60 7.55 18.31 11.99
CA ASP C 60 8.24 17.50 12.99
C ASP C 60 9.68 17.97 12.97
N GLY C 61 10.07 18.77 13.96
CA GLY C 61 11.41 19.34 14.03
C GLY C 61 11.67 20.26 12.87
N ARG C 62 12.81 20.04 12.16
CA ARG C 62 13.28 20.80 10.98
C ARG C 62 12.58 20.34 9.69
N PHE C 63 11.75 19.30 9.83
CA PHE C 63 11.10 18.67 8.69
C PHE C 63 9.62 19.00 8.54
N THR C 64 9.21 19.37 7.31
CA THR C 64 7.81 19.65 6.97
C THR C 64 7.46 19.00 5.65
N VAL C 65 6.32 18.28 5.61
CA VAL C 65 5.68 17.68 4.44
C VAL C 65 4.52 18.59 4.14
N PHE C 66 4.24 18.81 2.85
CA PHE C 66 3.14 19.59 2.32
C PHE C 66 2.47 18.69 1.31
N LEU C 67 1.13 18.66 1.31
CA LEU C 67 0.39 17.81 0.37
C LEU C 67 -0.66 18.59 -0.35
N ASN C 68 -0.49 18.70 -1.67
CA ASN C 68 -1.51 19.35 -2.45
C ASN C 68 -2.28 18.28 -3.21
N LYS C 69 -3.49 17.92 -2.74
CA LYS C 69 -4.22 16.85 -3.42
C LYS C 69 -4.75 17.28 -4.80
N SER C 70 -4.95 18.59 -5.05
CA SER C 70 -5.40 19.05 -6.37
C SER C 70 -4.29 18.85 -7.39
N ALA C 71 -3.09 19.30 -7.06
CA ALA C 71 -1.94 19.16 -7.92
C ALA C 71 -1.38 17.74 -7.87
N LYS C 72 -1.77 16.92 -6.86
CA LYS C 72 -1.20 15.58 -6.66
C LYS C 72 0.31 15.78 -6.49
N HIS C 73 0.70 16.76 -5.62
CA HIS C 73 2.09 17.11 -5.30
C HIS C 73 2.30 16.95 -3.84
N LEU C 74 3.48 16.46 -3.47
CA LEU C 74 3.99 16.13 -2.14
C LEU C 74 5.36 16.78 -2.11
N SER C 75 5.73 17.39 -1.00
CA SER C 75 6.96 18.16 -0.89
C SER C 75 7.56 18.08 0.53
N LEU C 76 8.90 17.94 0.63
CA LEU C 76 9.61 17.86 1.92
C LEU C 76 10.52 19.04 2.02
N HIS C 77 10.53 19.71 3.20
CA HIS C 77 11.33 20.88 3.45
C HIS C 77 12.24 20.69 4.66
N ILE C 78 13.55 20.72 4.46
CA ILE C 78 14.48 20.61 5.58
C ILE C 78 14.98 22.03 5.88
N VAL C 79 14.77 22.52 7.15
CA VAL C 79 15.11 23.91 7.61
C VAL C 79 15.59 23.94 9.05
N PRO C 80 16.83 24.41 9.27
CA PRO C 80 17.88 24.70 8.27
C PRO C 80 18.51 23.39 7.88
N SER C 81 19.12 23.32 6.69
CA SER C 81 19.74 22.04 6.44
C SER C 81 21.20 22.01 6.89
N GLN C 82 21.61 20.86 7.41
CA GLN C 82 22.93 20.61 7.98
C GLN C 82 23.67 19.43 7.33
N PRO C 83 25.03 19.35 7.53
CA PRO C 83 25.83 18.30 6.87
C PRO C 83 25.29 16.86 6.87
N GLY C 84 24.72 16.42 8.00
CA GLY C 84 24.13 15.10 8.11
C GLY C 84 22.83 14.93 7.34
N ASP C 85 22.39 15.96 6.57
CA ASP C 85 21.17 15.79 5.77
C ASP C 85 21.52 15.24 4.38
N SER C 86 22.81 15.11 4.05
CA SER C 86 23.22 14.55 2.77
C SER C 86 22.95 13.03 2.78
N ALA C 87 21.99 12.63 1.94
CA ALA C 87 21.54 11.26 1.79
C ALA C 87 20.62 11.23 0.57
N VAL C 88 20.08 10.05 0.22
CA VAL C 88 19.11 9.94 -0.86
C VAL C 88 17.75 9.96 -0.20
N TYR C 89 16.81 10.70 -0.76
CA TYR C 89 15.46 10.82 -0.23
C TYR C 89 14.43 10.22 -1.14
N PHE C 90 13.62 9.31 -0.59
CA PHE C 90 12.57 8.64 -1.35
C PHE C 90 11.19 9.03 -0.87
N CYS C 91 10.27 9.40 -1.78
CA CYS C 91 8.89 9.58 -1.36
C CYS C 91 8.20 8.32 -1.76
N ALA C 92 7.27 7.93 -0.92
CA ALA C 92 6.44 6.76 -1.10
C ALA C 92 4.99 7.19 -0.94
N ALA C 93 4.13 6.51 -1.63
CA ALA C 93 2.71 6.70 -1.52
C ALA C 93 2.11 5.29 -1.47
N SER C 94 1.03 5.16 -0.72
CA SER C 94 0.38 3.87 -0.54
C SER C 94 -1.13 3.92 -0.62
N VAL C 95 -1.71 2.78 -0.97
CA VAL C 95 -3.13 2.47 -0.99
C VAL C 95 -3.14 1.04 -0.42
N GLY C 96 -3.84 0.82 0.70
CA GLY C 96 -3.83 -0.49 1.34
C GLY C 96 -2.40 -0.85 1.69
N ASP C 97 -1.91 -2.03 1.17
CA ASP C 97 -0.53 -2.57 1.36
C ASP C 97 0.39 -2.33 0.12
N LYS C 98 -0.13 -1.70 -0.94
CA LYS C 98 0.64 -1.33 -2.12
C LYS C 98 1.37 -0.07 -1.72
N ILE C 99 2.71 -0.06 -1.85
CA ILE C 99 3.57 1.09 -1.58
C ILE C 99 4.43 1.33 -2.82
N ILE C 100 4.21 2.49 -3.49
CA ILE C 100 5.00 2.86 -4.66
C ILE C 100 6.09 3.86 -4.25
N PHE C 101 7.37 3.56 -4.56
CA PHE C 101 8.49 4.45 -4.25
C PHE C 101 8.97 5.22 -5.47
N GLY C 102 9.40 6.48 -5.25
CA GLY C 102 10.03 7.33 -6.24
C GLY C 102 11.43 6.82 -6.52
N LYS C 103 12.09 7.34 -7.55
CA LYS C 103 13.43 6.85 -7.90
C LYS C 103 14.56 7.50 -7.03
N GLY C 104 14.19 8.41 -6.11
CA GLY C 104 15.08 9.06 -5.16
C GLY C 104 15.75 10.34 -5.60
N THR C 105 16.18 11.15 -4.63
CA THR C 105 16.87 12.42 -4.84
C THR C 105 18.10 12.47 -3.93
N ARG C 106 19.27 12.63 -4.51
CA ARG C 106 20.47 12.72 -3.72
C ARG C 106 20.64 14.19 -3.32
N LEU C 107 20.46 14.47 -2.02
CA LEU C 107 20.65 15.80 -1.48
C LEU C 107 22.11 15.87 -1.00
N HIS C 108 22.84 16.88 -1.48
CA HIS C 108 24.23 17.13 -1.13
C HIS C 108 24.23 18.45 -0.38
N ILE C 109 24.57 18.41 0.93
CA ILE C 109 24.63 19.62 1.72
C ILE C 109 26.08 20.06 1.68
N LEU C 110 26.36 21.16 0.99
CA LEU C 110 27.67 21.76 0.85
C LEU C 110 27.97 22.48 2.14
N PRO C 111 29.08 22.14 2.81
CA PRO C 111 29.36 22.79 4.10
C PRO C 111 30.02 24.16 3.95
N ASN C 112 29.83 24.95 5.01
CA ASN C 112 30.33 26.28 5.23
C ASN C 112 31.78 26.16 5.65
N MET C 113 32.65 26.96 5.02
CA MET C 113 34.08 26.95 5.35
C MET C 113 34.76 28.30 5.22
N GLN C 114 35.98 28.38 5.80
CA GLN C 114 36.79 29.60 5.87
C GLN C 114 37.20 30.17 4.49
N ASN C 115 37.81 31.38 4.51
CA ASN C 115 38.30 32.07 3.33
C ASN C 115 39.29 31.16 2.56
N PRO C 116 39.18 31.02 1.22
CA PRO C 116 40.09 30.14 0.47
C PRO C 116 41.55 30.62 0.48
N ASP C 117 42.49 29.68 0.30
CA ASP C 117 43.94 29.92 0.17
C ASP C 117 44.43 28.84 -0.83
N PRO C 118 44.03 28.93 -2.15
CA PRO C 118 44.38 27.84 -3.08
C PRO C 118 45.85 27.57 -3.22
N ALA C 119 46.20 26.27 -3.31
CA ALA C 119 47.57 25.78 -3.40
C ALA C 119 47.66 24.34 -3.90
N VAL C 120 48.82 23.99 -4.47
CA VAL C 120 49.16 22.64 -4.94
C VAL C 120 50.42 22.20 -4.15
N TYR C 121 50.36 21.03 -3.48
CA TYR C 121 51.47 20.50 -2.68
C TYR C 121 51.91 19.08 -3.12
N GLN C 122 53.22 18.78 -3.06
CA GLN C 122 53.75 17.46 -3.37
C GLN C 122 53.97 16.72 -2.04
N LEU C 123 53.41 15.51 -1.91
CA LEU C 123 53.46 14.67 -0.70
C LEU C 123 54.24 13.38 -0.99
N ARG C 124 55.09 12.92 -0.03
CA ARG C 124 55.85 11.67 -0.21
C ARG C 124 55.34 10.55 0.70
N ASP C 125 55.30 9.31 0.19
CA ASP C 125 54.83 8.12 0.92
C ASP C 125 55.69 7.77 2.13
N SER C 126 55.06 7.24 3.22
CA SER C 126 55.72 6.83 4.46
C SER C 126 56.79 5.73 4.23
N LYS C 127 56.37 4.53 3.74
CA LYS C 127 57.25 3.38 3.47
C LYS C 127 58.14 3.59 2.22
N SER C 128 57.53 3.67 1.01
CA SER C 128 58.24 3.87 -0.26
C SER C 128 58.37 5.37 -0.58
N SER C 129 59.58 5.93 -0.34
CA SER C 129 59.90 7.34 -0.56
C SER C 129 59.78 7.81 -2.03
N ASP C 130 59.94 6.89 -3.00
CA ASP C 130 59.87 7.17 -4.44
C ASP C 130 58.50 7.66 -4.90
N LYS C 131 57.41 7.01 -4.41
CA LYS C 131 56.01 7.31 -4.73
C LYS C 131 55.59 8.73 -4.30
N SER C 132 55.21 9.57 -5.30
CA SER C 132 54.77 10.97 -5.12
C SER C 132 53.27 11.18 -5.45
N VAL C 133 52.63 12.17 -4.77
CA VAL C 133 51.21 12.53 -4.89
C VAL C 133 51.02 14.05 -4.84
N CYS C 134 50.17 14.58 -5.74
CA CYS C 134 49.86 16.01 -5.79
C CYS C 134 48.58 16.32 -5.10
N LEU C 135 48.54 17.44 -4.40
CA LEU C 135 47.34 17.83 -3.71
C LEU C 135 46.96 19.25 -4.01
N PHE C 136 45.81 19.42 -4.65
CA PHE C 136 45.23 20.72 -4.92
C PHE C 136 44.22 20.90 -3.81
N THR C 137 44.41 21.94 -2.98
CA THR C 137 43.56 22.18 -1.82
C THR C 137 43.24 23.66 -1.60
N ASP C 138 42.23 23.92 -0.72
CA ASP C 138 41.76 25.23 -0.25
C ASP C 138 41.23 26.15 -1.36
N PHE C 139 40.55 25.58 -2.35
CA PHE C 139 39.94 26.32 -3.46
C PHE C 139 38.46 26.63 -3.21
N ASP C 140 37.96 27.76 -3.78
CA ASP C 140 36.58 28.28 -3.66
C ASP C 140 35.54 27.23 -3.98
N SER C 141 34.32 27.35 -3.40
CA SER C 141 33.22 26.41 -3.66
C SER C 141 32.96 26.30 -5.18
N GLN C 142 32.87 27.46 -5.86
CA GLN C 142 32.70 27.52 -7.31
C GLN C 142 34.07 27.41 -8.00
N THR C 143 34.62 26.18 -8.04
CA THR C 143 35.88 25.78 -8.70
C THR C 143 35.69 24.36 -9.24
N ASN C 144 36.05 24.14 -10.53
CA ASN C 144 35.87 22.87 -11.20
C ASN C 144 37.15 22.13 -11.53
N VAL C 145 37.23 20.87 -11.06
CA VAL C 145 38.33 19.96 -11.29
C VAL C 145 38.02 19.11 -12.54
N SER C 146 38.79 19.35 -13.61
CA SER C 146 38.68 18.64 -14.87
C SER C 146 39.59 17.42 -14.82
N GLN C 147 39.09 16.30 -15.39
CA GLN C 147 39.75 15.00 -15.45
C GLN C 147 41.14 15.01 -16.16
N SER C 148 41.88 13.90 -16.03
CA SER C 148 43.21 13.70 -16.60
C SER C 148 43.15 13.38 -18.09
N LYS C 149 44.06 14.01 -18.86
CA LYS C 149 44.17 13.81 -20.31
C LYS C 149 44.90 12.49 -20.60
N ASP C 150 46.09 12.30 -20.00
CA ASP C 150 46.95 11.11 -20.12
C ASP C 150 46.43 9.94 -19.27
N SER C 151 46.48 8.71 -19.80
CA SER C 151 46.00 7.51 -19.08
C SER C 151 46.98 7.01 -17.98
N ASP C 152 48.23 7.54 -17.95
CA ASP C 152 49.27 7.22 -16.95
C ASP C 152 49.20 8.15 -15.71
N VAL C 153 48.43 9.26 -15.84
CA VAL C 153 48.18 10.27 -14.81
C VAL C 153 46.70 10.14 -14.33
N TYR C 154 46.49 10.13 -13.00
CA TYR C 154 45.15 10.00 -12.41
C TYR C 154 44.83 11.22 -11.57
N ILE C 155 43.67 11.85 -11.82
CA ILE C 155 43.21 13.04 -11.08
C ILE C 155 41.81 12.78 -10.56
N THR C 156 41.60 12.98 -9.27
CA THR C 156 40.30 12.80 -8.63
C THR C 156 39.52 14.09 -8.66
N ASP C 157 38.18 14.00 -8.70
CA ASP C 157 37.33 15.19 -8.65
C ASP C 157 37.31 15.72 -7.18
N LYS C 158 36.70 16.90 -6.95
CA LYS C 158 36.56 17.48 -5.61
C LYS C 158 35.87 16.45 -4.70
N CYS C 159 36.54 16.13 -3.55
CA CYS C 159 36.16 15.19 -2.49
C CYS C 159 34.86 15.57 -1.79
N VAL C 160 34.36 14.66 -0.94
CA VAL C 160 33.17 14.93 -0.12
C VAL C 160 33.54 14.91 1.36
N LEU C 161 33.40 16.06 2.03
CA LEU C 161 33.73 16.17 3.46
C LEU C 161 32.86 15.24 4.32
N ASP C 162 33.47 14.51 5.28
CA ASP C 162 32.77 13.60 6.24
C ASP C 162 31.62 14.38 6.87
N MET C 163 30.39 13.84 6.82
CA MET C 163 29.25 14.58 7.39
C MET C 163 29.31 14.75 8.94
N ARG C 164 30.38 14.23 9.56
CA ARG C 164 30.63 14.37 10.98
C ARG C 164 31.86 15.27 11.20
N SER C 165 32.50 15.76 10.11
CA SER C 165 33.66 16.66 10.20
C SER C 165 33.20 17.92 10.90
N MET C 166 34.00 18.44 11.83
CA MET C 166 33.62 19.63 12.60
C MET C 166 34.65 20.73 12.58
N ASP C 167 35.81 20.45 12.01
CA ASP C 167 36.93 21.37 11.95
C ASP C 167 37.71 20.98 10.70
N PHE C 168 38.62 21.85 10.29
CA PHE C 168 39.50 21.67 9.13
C PHE C 168 38.73 21.35 7.85
N LYS C 169 37.56 22.02 7.64
CA LYS C 169 36.72 21.80 6.45
C LYS C 169 37.33 22.49 5.22
N SER C 170 37.81 21.71 4.21
CA SER C 170 38.45 22.27 3.01
C SER C 170 38.32 21.43 1.73
N ASN C 171 38.12 22.11 0.59
CA ASN C 171 38.00 21.49 -0.73
C ASN C 171 39.35 20.97 -1.19
N SER C 172 39.40 19.77 -1.79
CA SER C 172 40.64 19.18 -2.29
C SER C 172 40.44 18.16 -3.40
N ALA C 173 41.47 18.05 -4.25
CA ALA C 173 41.63 17.11 -5.35
C ALA C 173 43.07 16.56 -5.29
N VAL C 174 43.26 15.32 -5.74
CA VAL C 174 44.54 14.61 -5.72
C VAL C 174 44.87 14.14 -7.14
N ALA C 175 46.15 14.25 -7.50
CA ALA C 175 46.70 13.81 -8.78
C ALA C 175 47.93 12.91 -8.55
N TRP C 176 47.99 11.74 -9.23
CA TRP C 176 49.12 10.84 -9.10
C TRP C 176 49.48 10.10 -10.39
N SER C 177 50.79 9.76 -10.58
CA SER C 177 51.32 9.04 -11.74
C SER C 177 52.22 7.89 -11.31
N ALA C 183 55.58 15.88 -12.94
CA ALA C 183 55.82 16.91 -11.93
C ALA C 183 54.54 17.66 -11.55
N CYS C 184 54.43 17.96 -10.23
CA CYS C 184 53.32 18.58 -9.50
C CYS C 184 52.74 19.87 -10.09
N ALA C 185 53.60 20.84 -10.47
CA ALA C 185 53.15 22.14 -10.99
C ALA C 185 52.12 22.05 -12.15
N ASN C 186 52.53 21.49 -13.31
CA ASN C 186 51.70 21.38 -14.50
C ASN C 186 50.66 20.24 -14.46
N ALA C 187 50.44 19.60 -13.29
CA ALA C 187 49.49 18.47 -13.12
C ALA C 187 48.01 18.85 -13.27
N PHE C 188 47.57 19.92 -12.59
CA PHE C 188 46.17 20.36 -12.59
C PHE C 188 45.82 21.38 -13.73
N ASN C 189 46.67 21.47 -14.78
CA ASN C 189 46.52 22.39 -15.91
C ASN C 189 45.21 22.25 -16.71
N ASN C 190 44.69 21.01 -16.91
CA ASN C 190 43.44 20.72 -17.64
C ASN C 190 42.22 21.39 -17.00
N SER C 191 42.33 21.67 -15.68
CA SER C 191 41.34 22.32 -14.84
C SER C 191 41.62 23.83 -14.74
N ILE C 192 40.57 24.63 -14.44
CA ILE C 192 40.66 26.08 -14.29
C ILE C 192 41.17 26.41 -12.89
N ILE C 193 42.46 26.74 -12.82
CA ILE C 193 43.20 27.06 -11.60
C ILE C 193 43.32 28.59 -11.50
N PRO C 194 42.93 29.22 -10.37
CA PRO C 194 43.02 30.69 -10.26
C PRO C 194 44.47 31.25 -10.23
N GLU C 195 44.61 32.57 -10.43
CA GLU C 195 45.90 33.26 -10.41
C GLU C 195 46.49 33.40 -8.99
N ASP C 196 45.62 33.28 -7.94
CA ASP C 196 45.97 33.39 -6.52
C ASP C 196 46.57 32.10 -5.92
N THR C 197 46.68 31.01 -6.73
CA THR C 197 47.20 29.68 -6.35
C THR C 197 48.67 29.75 -5.87
N PHE C 198 48.98 29.07 -4.73
CA PHE C 198 50.31 29.01 -4.11
C PHE C 198 51.14 27.79 -4.52
N PHE C 199 52.45 27.99 -4.75
CA PHE C 199 53.40 26.95 -5.17
C PHE C 199 54.71 27.08 -4.39
N ALA D 3 16.68 -6.59 18.11
CA ALA D 3 17.06 -6.78 16.69
C ALA D 3 15.98 -6.30 15.66
N GLY D 4 16.43 -5.49 14.68
CA GLY D 4 15.55 -4.97 13.64
C GLY D 4 15.49 -5.88 12.43
N VAL D 5 15.23 -5.31 11.24
CA VAL D 5 15.18 -6.12 10.03
C VAL D 5 16.60 -6.51 9.64
N SER D 6 16.82 -7.79 9.38
CA SER D 6 18.15 -8.28 9.03
C SER D 6 18.15 -9.01 7.72
N GLN D 7 19.33 -9.02 7.08
CA GLN D 7 19.57 -9.64 5.79
C GLN D 7 20.87 -10.38 5.73
N SER D 8 20.85 -11.57 5.11
CA SER D 8 21.99 -12.47 4.92
C SER D 8 22.13 -12.84 3.45
N PRO D 9 23.35 -12.85 2.85
CA PRO D 9 24.62 -12.34 3.40
C PRO D 9 24.63 -10.81 3.32
N SER D 10 25.67 -10.16 3.87
CA SER D 10 25.81 -8.69 3.81
C SER D 10 26.23 -8.28 2.38
N ASN D 11 27.11 -9.08 1.77
CA ASN D 11 27.69 -8.88 0.46
C ASN D 11 27.98 -10.25 -0.12
N LYS D 12 27.68 -10.44 -1.41
CA LYS D 12 28.07 -11.68 -2.08
C LYS D 12 28.70 -11.39 -3.46
N VAL D 13 29.85 -12.02 -3.75
CA VAL D 13 30.51 -11.90 -5.05
C VAL D 13 30.46 -13.29 -5.65
N THR D 14 29.79 -13.40 -6.79
CA THR D 14 29.63 -14.69 -7.47
C THR D 14 30.06 -14.63 -8.94
N GLU D 15 30.35 -15.83 -9.51
CA GLU D 15 30.68 -16.06 -10.91
C GLU D 15 29.35 -16.36 -11.61
N LYS D 16 29.16 -15.83 -12.83
CA LYS D 16 27.92 -16.04 -13.60
C LYS D 16 27.59 -17.53 -13.71
N GLY D 17 26.33 -17.89 -13.50
CA GLY D 17 25.88 -19.28 -13.58
C GLY D 17 25.55 -19.96 -12.26
N LYS D 18 26.15 -19.46 -11.15
CA LYS D 18 25.90 -20.00 -9.81
C LYS D 18 24.50 -19.58 -9.30
N ASP D 19 23.96 -20.33 -8.33
CA ASP D 19 22.65 -20.02 -7.74
C ASP D 19 22.89 -19.27 -6.43
N VAL D 20 22.10 -18.23 -6.18
CA VAL D 20 22.26 -17.37 -5.01
C VAL D 20 20.96 -17.23 -4.19
N GLU D 21 21.04 -17.45 -2.88
CA GLU D 21 19.90 -17.34 -1.97
C GLU D 21 20.08 -16.13 -1.05
N LEU D 22 19.02 -15.33 -0.87
CA LEU D 22 19.09 -14.16 0.00
C LEU D 22 18.03 -14.29 1.08
N ARG D 23 18.44 -14.07 2.32
CA ARG D 23 17.57 -14.21 3.47
C ARG D 23 17.12 -12.88 4.06
N CYS D 24 15.89 -12.88 4.60
CA CYS D 24 15.35 -11.74 5.31
C CYS D 24 14.67 -12.11 6.61
N ASP D 25 15.13 -11.50 7.68
CA ASP D 25 14.57 -11.67 9.00
C ASP D 25 13.80 -10.40 9.31
N PRO D 26 12.45 -10.36 9.17
CA PRO D 26 11.73 -9.11 9.47
C PRO D 26 11.62 -8.92 10.99
N ILE D 27 10.85 -7.92 11.42
CA ILE D 27 10.61 -7.72 12.85
C ILE D 27 9.52 -8.70 13.18
N SER D 28 9.63 -9.35 14.34
CA SER D 28 8.64 -10.31 14.79
C SER D 28 7.28 -9.61 14.86
N GLY D 29 6.28 -10.22 14.26
CA GLY D 29 4.93 -9.68 14.27
C GLY D 29 4.48 -9.07 12.97
N HIS D 30 5.42 -8.41 12.26
CA HIS D 30 5.20 -7.72 10.98
C HIS D 30 4.71 -8.67 9.90
N THR D 31 3.45 -8.43 9.46
CA THR D 31 2.68 -9.23 8.51
C THR D 31 3.13 -9.03 7.06
N ALA D 32 3.69 -7.86 6.76
CA ALA D 32 4.13 -7.50 5.42
C ALA D 32 5.64 -7.58 5.31
N LEU D 33 6.12 -8.20 4.23
CA LEU D 33 7.54 -8.32 3.93
C LEU D 33 7.67 -7.95 2.49
N TYR D 34 8.54 -7.00 2.18
CA TYR D 34 8.76 -6.53 0.84
C TYR D 34 10.17 -6.81 0.43
N TRP D 35 10.37 -6.95 -0.88
CA TRP D 35 11.67 -7.18 -1.51
C TRP D 35 11.85 -6.18 -2.65
N TYR D 36 12.99 -5.45 -2.63
CA TYR D 36 13.41 -4.46 -3.61
C TYR D 36 14.86 -4.69 -3.97
N ARG D 37 15.32 -4.02 -5.02
CA ARG D 37 16.72 -4.05 -5.40
C ARG D 37 17.10 -2.66 -5.86
N GLN D 38 18.36 -2.30 -5.65
CA GLN D 38 18.87 -1.01 -6.07
C GLN D 38 20.08 -1.23 -6.96
N SER D 39 19.94 -0.87 -8.25
CA SER D 39 20.99 -1.00 -9.26
C SER D 39 21.71 0.33 -9.33
N LEU D 40 23.06 0.31 -9.43
CA LEU D 40 23.89 1.52 -9.53
C LEU D 40 23.52 2.33 -10.80
N GLY D 41 22.89 3.47 -10.57
CA GLY D 41 22.35 4.33 -11.62
C GLY D 41 20.87 4.07 -11.80
N GLN D 42 20.19 3.80 -10.66
CA GLN D 42 18.76 3.51 -10.53
C GLN D 42 18.32 3.63 -9.05
N GLY D 43 17.02 3.80 -8.86
CA GLY D 43 16.43 3.91 -7.54
C GLY D 43 15.92 2.57 -7.11
N LEU D 44 14.95 2.59 -6.20
CA LEU D 44 14.34 1.44 -5.59
C LEU D 44 13.40 0.75 -6.56
N GLU D 45 13.81 -0.44 -7.00
CA GLU D 45 13.05 -1.26 -7.93
C GLU D 45 12.37 -2.36 -7.14
N PHE D 46 11.03 -2.31 -7.08
CA PHE D 46 10.20 -3.31 -6.41
C PHE D 46 10.36 -4.66 -7.09
N LEU D 47 10.37 -5.72 -6.27
CA LEU D 47 10.48 -7.07 -6.76
C LEU D 47 9.25 -7.89 -6.42
N ILE D 48 8.97 -8.10 -5.13
CA ILE D 48 7.85 -8.92 -4.62
C ILE D 48 7.53 -8.56 -3.16
N TYR D 49 6.28 -8.76 -2.74
CA TYR D 49 5.91 -8.60 -1.34
C TYR D 49 4.98 -9.69 -0.88
N PHE D 50 4.97 -9.89 0.45
CA PHE D 50 4.16 -10.89 1.13
C PHE D 50 3.26 -10.27 2.15
N GLN D 51 1.97 -10.59 2.05
CA GLN D 51 0.88 -10.21 2.95
CA GLN D 51 1.00 -10.22 3.05
C GLN D 51 0.65 -11.56 3.67
N GLY D 52 1.40 -11.84 4.72
CA GLY D 52 1.34 -13.10 5.45
C GLY D 52 2.38 -14.04 4.88
N ASN D 53 2.02 -15.30 4.67
CA ASN D 53 2.90 -16.30 4.08
C ASN D 53 2.63 -16.50 2.57
N SER D 54 1.75 -15.63 1.99
CA SER D 54 1.34 -15.63 0.58
C SER D 54 1.87 -14.37 -0.08
N ALA D 55 2.25 -14.48 -1.36
CA ALA D 55 2.75 -13.34 -2.14
C ALA D 55 1.67 -12.79 -3.09
N PRO D 56 1.01 -11.62 -2.75
CA PRO D 56 0.02 -11.07 -3.69
C PRO D 56 0.65 -10.54 -4.99
N ASP D 57 1.71 -9.69 -4.89
CA ASP D 57 2.36 -9.14 -6.09
C ASP D 57 3.77 -9.74 -6.34
N LYS D 58 3.84 -10.69 -7.29
CA LYS D 58 5.03 -11.39 -7.79
C LYS D 58 5.32 -10.84 -9.21
N SER D 59 5.28 -9.49 -9.37
CA SER D 59 5.40 -8.82 -10.69
C SER D 59 6.73 -8.12 -10.95
N GLY D 60 7.42 -7.71 -9.90
CA GLY D 60 8.69 -7.03 -10.04
C GLY D 60 9.82 -7.98 -10.39
N LEU D 61 9.57 -9.31 -10.18
CA LEU D 61 10.51 -10.39 -10.48
C LEU D 61 11.00 -10.25 -11.93
N PRO D 62 12.32 -9.97 -12.10
CA PRO D 62 12.86 -9.67 -13.44
C PRO D 62 12.85 -10.82 -14.44
N SER D 63 12.79 -12.08 -13.97
CA SER D 63 12.79 -13.29 -14.81
C SER D 63 12.32 -14.54 -14.02
N ASP D 64 12.14 -15.68 -14.73
CA ASP D 64 11.75 -17.00 -14.18
C ASP D 64 12.75 -17.56 -13.14
N ARG D 65 14.03 -17.13 -13.21
CA ARG D 65 15.12 -17.56 -12.32
C ARG D 65 14.92 -17.05 -10.89
N PHE D 66 14.35 -15.84 -10.77
CA PHE D 66 14.01 -15.16 -9.54
C PHE D 66 12.71 -15.76 -9.01
N SER D 67 12.73 -16.15 -7.75
CA SER D 67 11.61 -16.74 -7.02
C SER D 67 11.81 -16.41 -5.55
N ALA D 68 10.72 -16.21 -4.81
CA ALA D 68 10.77 -15.87 -3.39
C ALA D 68 9.81 -16.73 -2.60
N GLU D 69 10.05 -16.84 -1.30
CA GLU D 69 9.30 -17.70 -0.39
C GLU D 69 9.27 -17.13 1.01
N ARG D 70 8.13 -17.24 1.68
CA ARG D 70 7.98 -16.83 3.08
C ARG D 70 7.03 -17.83 3.66
N THR D 71 7.48 -19.11 3.76
CA THR D 71 6.68 -20.23 4.28
C THR D 71 6.18 -19.96 5.71
N GLY D 72 6.99 -19.21 6.49
CA GLY D 72 6.82 -18.78 7.88
C GLY D 72 5.43 -18.45 8.39
N GLY D 73 4.85 -17.31 8.02
CA GLY D 73 5.45 -16.28 7.19
C GLY D 73 6.15 -15.31 8.10
N SER D 74 7.47 -15.51 8.22
CA SER D 74 8.38 -14.74 9.03
C SER D 74 9.60 -14.56 8.17
N VAL D 75 10.56 -15.50 8.26
CA VAL D 75 11.77 -15.43 7.44
C VAL D 75 11.44 -15.75 5.99
N SER D 76 11.85 -14.86 5.09
CA SER D 76 11.68 -14.96 3.65
C SER D 76 13.01 -15.12 2.97
N THR D 77 13.02 -15.86 1.87
CA THR D 77 14.22 -16.04 1.06
C THR D 77 13.93 -15.70 -0.39
N LEU D 78 14.93 -15.12 -1.08
CA LEU D 78 14.83 -14.78 -2.49
C LEU D 78 15.92 -15.56 -3.20
N THR D 79 15.53 -16.45 -4.13
CA THR D 79 16.51 -17.25 -4.84
C THR D 79 16.69 -16.76 -6.25
N ILE D 80 17.94 -16.64 -6.69
CA ILE D 80 18.28 -16.22 -8.04
C ILE D 80 19.03 -17.39 -8.64
N GLN D 81 18.43 -18.04 -9.64
CA GLN D 81 19.07 -19.15 -10.31
C GLN D 81 19.92 -18.62 -11.46
N ARG D 82 21.03 -19.32 -11.79
CA ARG D 82 21.96 -19.03 -12.90
C ARG D 82 22.27 -17.53 -13.07
N THR D 83 22.75 -16.89 -11.98
CA THR D 83 23.09 -15.47 -11.88
C THR D 83 23.82 -14.88 -13.11
N GLN D 84 23.45 -13.65 -13.53
CA GLN D 84 24.02 -12.93 -14.68
C GLN D 84 24.41 -11.49 -14.30
N GLN D 85 25.34 -10.85 -15.08
CA GLN D 85 25.84 -9.49 -14.82
C GLN D 85 24.72 -8.46 -14.51
N GLU D 86 23.55 -8.56 -15.18
CA GLU D 86 22.41 -7.66 -14.98
C GLU D 86 21.75 -7.79 -13.61
N ASP D 87 21.98 -8.93 -12.91
CA ASP D 87 21.42 -9.18 -11.58
C ASP D 87 22.16 -8.47 -10.44
N SER D 88 23.37 -7.98 -10.72
CA SER D 88 24.21 -7.26 -9.76
C SER D 88 23.45 -6.02 -9.31
N ALA D 89 23.09 -5.98 -7.99
CA ALA D 89 22.32 -4.94 -7.29
C ALA D 89 22.38 -5.10 -5.76
N VAL D 90 21.89 -4.09 -5.03
CA VAL D 90 21.75 -4.18 -3.59
C VAL D 90 20.32 -4.63 -3.35
N TYR D 91 20.14 -5.87 -2.92
CA TYR D 91 18.81 -6.41 -2.66
C TYR D 91 18.41 -5.99 -1.28
N LEU D 92 17.32 -5.23 -1.20
CA LEU D 92 16.81 -4.70 0.07
C LEU D 92 15.52 -5.37 0.43
N CYS D 93 15.35 -5.52 1.71
CA CYS D 93 14.22 -6.14 2.32
C CYS D 93 13.59 -5.18 3.32
N ALA D 94 12.26 -5.22 3.45
CA ALA D 94 11.62 -4.40 4.47
C ALA D 94 10.42 -5.11 5.02
N SER D 95 10.04 -4.81 6.28
CA SER D 95 8.82 -5.33 6.88
C SER D 95 7.98 -4.19 7.44
N SER D 96 6.67 -4.42 7.62
CA SER D 96 5.73 -3.47 8.21
C SER D 96 4.54 -4.19 8.86
N SER D 97 3.81 -3.48 9.76
CA SER D 97 2.62 -3.92 10.50
C SER D 97 1.43 -3.00 10.12
N TYR D 98 0.18 -3.46 10.28
CA TYR D 98 -1.00 -2.63 10.02
C TYR D 98 -1.45 -1.94 11.33
N ARG D 99 -0.85 -2.37 12.46
CA ARG D 99 -1.10 -1.75 13.77
C ARG D 99 -0.19 -0.52 13.82
N GLY D 100 -0.51 0.41 14.70
CA GLY D 100 0.30 1.61 14.88
C GLY D 100 -0.33 2.85 14.31
N PRO D 101 0.37 4.00 14.44
CA PRO D 101 -0.20 5.28 13.97
C PRO D 101 0.08 5.62 12.49
N ARG D 102 1.07 4.91 11.93
CA ARG D 102 1.52 5.08 10.56
C ARG D 102 1.09 3.91 9.67
N MET D 103 0.46 4.26 8.55
CA MET D 103 0.11 3.24 7.60
C MET D 103 1.30 3.04 6.69
N ASN D 104 1.80 1.81 6.67
CA ASN D 104 2.88 1.35 5.80
C ASN D 104 4.23 1.98 6.08
N GLU D 105 4.56 2.16 7.38
CA GLU D 105 5.90 2.60 7.75
C GLU D 105 6.73 1.31 7.65
N GLN D 106 7.65 1.32 6.71
CA GLN D 106 8.49 0.15 6.46
C GLN D 106 9.75 0.30 7.23
N PHE D 107 10.32 -0.86 7.63
CA PHE D 107 11.59 -0.99 8.32
C PHE D 107 12.50 -1.76 7.40
N PHE D 108 13.55 -1.10 6.90
CA PHE D 108 14.47 -1.73 5.96
C PHE D 108 15.64 -2.41 6.63
N GLY D 109 16.05 -3.51 6.02
CA GLY D 109 17.24 -4.24 6.41
C GLY D 109 18.46 -3.51 5.87
N PRO D 110 19.69 -3.97 6.21
CA PRO D 110 20.89 -3.30 5.73
C PRO D 110 21.26 -3.56 4.27
N GLY D 111 20.56 -4.50 3.64
CA GLY D 111 20.77 -4.85 2.25
C GLY D 111 21.87 -5.86 2.02
N THR D 112 21.80 -6.58 0.89
CA THR D 112 22.77 -7.57 0.41
C THR D 112 23.28 -6.99 -0.91
N ARG D 113 24.57 -6.72 -1.01
CA ARG D 113 25.14 -6.24 -2.27
C ARG D 113 25.52 -7.48 -3.04
N LEU D 114 24.84 -7.71 -4.18
CA LEU D 114 25.11 -8.83 -5.05
C LEU D 114 25.91 -8.33 -6.24
N THR D 115 27.01 -9.04 -6.54
CA THR D 115 27.91 -8.72 -7.64
C THR D 115 28.21 -10.01 -8.37
N VAL D 116 27.77 -10.06 -9.64
CA VAL D 116 27.92 -11.20 -10.53
C VAL D 116 28.94 -10.82 -11.62
N LEU D 117 30.09 -11.50 -11.61
CA LEU D 117 31.21 -11.26 -12.53
C LEU D 117 31.35 -12.35 -13.59
N GLU D 118 31.99 -12.01 -14.75
CA GLU D 118 32.23 -13.00 -15.81
C GLU D 118 33.15 -14.13 -15.29
N ASP D 119 34.11 -13.74 -14.39
CA ASP D 119 35.07 -14.58 -13.69
C ASP D 119 35.68 -13.84 -12.50
N LEU D 120 36.09 -14.62 -11.49
CA LEU D 120 36.68 -14.13 -10.26
C LEU D 120 38.18 -13.89 -10.40
N LYS D 121 38.78 -14.26 -11.53
CA LYS D 121 40.20 -14.04 -11.78
C LYS D 121 40.55 -12.53 -11.73
N ASN D 122 39.56 -11.65 -12.04
CA ASN D 122 39.73 -10.20 -12.07
C ASN D 122 39.57 -9.49 -10.69
N VAL D 123 39.15 -10.20 -9.61
CA VAL D 123 38.95 -9.64 -8.25
C VAL D 123 40.30 -9.35 -7.57
N PHE D 124 40.49 -8.11 -7.03
CA PHE D 124 41.76 -7.74 -6.39
C PHE D 124 41.58 -6.88 -5.16
N PRO D 125 42.33 -7.11 -4.06
CA PRO D 125 42.19 -6.22 -2.88
C PRO D 125 42.94 -4.91 -3.15
N PRO D 126 42.74 -3.82 -2.38
CA PRO D 126 43.49 -2.61 -2.68
C PRO D 126 44.93 -2.61 -2.16
N GLU D 127 45.74 -1.69 -2.72
CA GLU D 127 47.09 -1.42 -2.30
C GLU D 127 46.95 -0.02 -1.65
N VAL D 128 47.00 0.00 -0.30
CA VAL D 128 46.81 1.20 0.51
C VAL D 128 48.16 1.82 0.91
N ALA D 129 48.30 3.12 0.59
CA ALA D 129 49.48 3.93 0.84
C ALA D 129 49.07 5.22 1.52
N VAL D 130 49.91 5.73 2.43
CA VAL D 130 49.64 6.98 3.12
C VAL D 130 50.77 7.92 2.80
N PHE D 131 50.42 9.09 2.29
CA PHE D 131 51.35 10.13 1.90
C PHE D 131 51.39 11.18 2.98
N GLU D 132 52.55 11.33 3.64
CA GLU D 132 52.80 12.27 4.72
C GLU D 132 52.63 13.74 4.26
N PRO D 133 52.21 14.67 5.16
CA PRO D 133 52.01 16.07 4.73
C PRO D 133 53.25 16.82 4.25
N SER D 134 53.04 17.64 3.20
CA SER D 134 54.04 18.50 2.56
C SER D 134 54.57 19.52 3.58
N GLU D 135 55.91 19.72 3.61
CA GLU D 135 56.52 20.70 4.53
C GLU D 135 56.27 22.15 4.05
N ALA D 136 55.86 22.32 2.78
CA ALA D 136 55.47 23.60 2.17
C ALA D 136 54.10 24.03 2.74
N GLU D 137 53.25 23.06 3.11
CA GLU D 137 51.92 23.24 3.69
C GLU D 137 51.96 23.65 5.16
N ILE D 138 52.84 23.02 5.96
CA ILE D 138 52.97 23.33 7.38
C ILE D 138 53.50 24.76 7.54
N SER D 139 54.45 25.17 6.68
CA SER D 139 55.01 26.52 6.67
C SER D 139 54.01 27.60 6.25
N HIS D 140 53.08 27.27 5.32
CA HIS D 140 52.14 28.23 4.77
C HIS D 140 50.81 28.39 5.50
N THR D 141 50.16 27.26 5.87
CA THR D 141 48.83 27.24 6.49
C THR D 141 48.81 26.89 7.96
N GLN D 142 49.87 26.20 8.46
CA GLN D 142 50.01 25.68 9.84
C GLN D 142 48.99 24.57 10.08
N LYS D 143 48.71 23.84 9.00
CA LYS D 143 47.82 22.71 8.87
C LYS D 143 48.63 21.62 8.19
N ALA D 144 48.22 20.35 8.33
CA ALA D 144 48.92 19.21 7.76
C ALA D 144 47.96 18.21 7.22
N THR D 145 47.92 18.08 5.88
CA THR D 145 47.04 17.15 5.16
C THR D 145 47.75 15.84 4.85
N LEU D 146 47.24 14.73 5.40
CA LEU D 146 47.68 13.38 5.12
C LEU D 146 46.81 12.90 3.98
N VAL D 147 47.36 12.10 3.07
CA VAL D 147 46.60 11.57 1.94
C VAL D 147 46.65 10.06 1.94
N CYS D 148 45.51 9.43 1.71
CA CYS D 148 45.39 7.99 1.59
C CYS D 148 44.97 7.63 0.17
N LEU D 149 45.51 6.52 -0.34
CA LEU D 149 45.31 6.05 -1.71
C LEU D 149 45.16 4.56 -1.73
N ALA D 150 43.98 4.08 -2.13
CA ALA D 150 43.66 2.67 -2.28
C ALA D 150 43.68 2.48 -3.77
N THR D 151 44.49 1.55 -4.25
CA THR D 151 44.65 1.38 -5.69
C THR D 151 44.57 -0.06 -6.16
N GLY D 152 44.08 -0.22 -7.39
CA GLY D 152 43.98 -1.49 -8.10
C GLY D 152 43.08 -2.51 -7.45
N PHE D 153 41.91 -2.06 -7.01
CA PHE D 153 40.96 -2.97 -6.38
C PHE D 153 39.79 -3.21 -7.29
N TYR D 154 39.28 -4.43 -7.27
CA TYR D 154 38.13 -4.82 -8.07
C TYR D 154 37.31 -5.86 -7.28
N PRO D 155 35.96 -5.73 -7.14
CA PRO D 155 35.07 -4.67 -7.69
C PRO D 155 35.18 -3.34 -6.95
N ASP D 156 34.43 -2.32 -7.40
CA ASP D 156 34.43 -0.94 -6.90
C ASP D 156 34.07 -0.71 -5.43
N HIS D 157 33.59 -1.71 -4.69
CA HIS D 157 33.18 -1.41 -3.33
C HIS D 157 34.24 -1.64 -2.24
N VAL D 158 34.54 -0.54 -1.50
CA VAL D 158 35.44 -0.43 -0.35
C VAL D 158 34.87 0.61 0.61
N GLU D 159 35.25 0.55 1.89
CA GLU D 159 34.86 1.52 2.91
C GLU D 159 36.17 2.04 3.50
N LEU D 160 36.44 3.35 3.33
CA LEU D 160 37.66 3.97 3.86
C LEU D 160 37.38 4.70 5.21
N SER D 161 38.33 4.63 6.14
CA SER D 161 38.26 5.27 7.45
C SER D 161 39.67 5.66 7.94
N TRP D 162 39.73 6.72 8.76
CA TRP D 162 40.98 7.22 9.33
C TRP D 162 40.94 7.00 10.83
N TRP D 163 42.08 6.58 11.38
CA TRP D 163 42.22 6.27 12.80
C TRP D 163 43.42 6.96 13.35
N VAL D 164 43.20 7.77 14.35
CA VAL D 164 44.29 8.46 15.00
C VAL D 164 44.32 7.92 16.41
N ASN D 165 45.46 7.29 16.78
CA ASN D 165 45.73 6.71 18.11
C ASN D 165 44.65 5.74 18.60
N GLY D 166 44.28 4.85 17.68
CA GLY D 166 43.33 3.80 17.90
C GLY D 166 41.88 4.18 17.83
N LYS D 167 41.59 5.50 17.71
CA LYS D 167 40.21 5.96 17.65
C LYS D 167 39.88 6.56 16.30
N GLU D 168 38.68 6.25 15.79
CA GLU D 168 38.20 6.73 14.50
C GLU D 168 37.92 8.21 14.55
N VAL D 169 38.27 8.93 13.45
CA VAL D 169 38.19 10.39 13.36
C VAL D 169 37.33 10.87 12.20
N HIS D 170 36.65 12.01 12.37
CA HIS D 170 35.84 12.56 11.28
C HIS D 170 36.21 13.98 10.92
N SER D 171 36.69 14.78 11.91
CA SER D 171 37.07 16.16 11.66
C SER D 171 38.29 16.25 10.78
N GLY D 172 38.17 17.04 9.70
CA GLY D 172 39.24 17.20 8.72
C GLY D 172 39.35 16.03 7.76
N VAL D 173 38.36 15.12 7.78
CA VAL D 173 38.29 13.96 6.89
C VAL D 173 37.41 14.35 5.73
N CYS D 174 37.84 13.93 4.54
CA CYS D 174 37.07 13.94 3.32
C CYS D 174 37.60 12.89 2.38
N THR D 175 36.71 11.98 1.98
CA THR D 175 36.98 10.89 1.05
C THR D 175 36.20 11.16 -0.25
N ASP D 176 36.65 10.60 -1.40
CA ASP D 176 35.98 10.72 -2.71
C ASP D 176 34.60 10.02 -2.66
N PRO D 177 33.54 10.61 -3.27
CA PRO D 177 32.20 9.98 -3.20
C PRO D 177 32.08 8.63 -3.90
N GLN D 178 32.83 8.44 -5.01
CA GLN D 178 32.85 7.23 -5.83
C GLN D 178 34.30 6.93 -6.22
N PRO D 179 34.67 5.66 -6.49
CA PRO D 179 36.02 5.38 -6.96
C PRO D 179 36.30 5.90 -8.39
N LEU D 180 37.53 5.72 -8.82
CA LEU D 180 38.09 6.19 -10.05
C LEU D 180 38.49 4.98 -10.87
N LYS D 181 38.18 4.99 -12.18
CA LYS D 181 38.55 3.92 -13.11
C LYS D 181 39.98 4.22 -13.59
N GLU D 182 40.93 3.33 -13.28
CA GLU D 182 42.33 3.50 -13.68
C GLU D 182 42.53 3.46 -15.21
N GLN D 183 41.89 2.49 -15.89
CA GLN D 183 41.89 2.34 -17.35
C GLN D 183 40.41 2.51 -17.80
N PRO D 184 39.85 3.77 -17.80
CA PRO D 184 38.41 3.96 -18.09
C PRO D 184 37.86 3.39 -19.39
N ALA D 185 38.73 3.15 -20.39
CA ALA D 185 38.31 2.59 -21.66
C ALA D 185 38.07 1.07 -21.56
N LEU D 186 38.77 0.37 -20.63
CA LEU D 186 38.67 -1.07 -20.40
C LEU D 186 37.42 -1.42 -19.61
N ASN D 187 36.79 -2.58 -19.94
CA ASN D 187 35.60 -3.09 -19.24
C ASN D 187 36.01 -3.60 -17.85
N ASP D 188 37.10 -4.40 -17.80
CA ASP D 188 37.67 -5.00 -16.59
C ASP D 188 38.57 -4.02 -15.75
N SER D 189 38.31 -2.68 -15.84
CA SER D 189 39.08 -1.62 -15.17
C SER D 189 39.10 -1.72 -13.65
N ARG D 190 40.31 -1.78 -13.08
CA ARG D 190 40.54 -1.81 -11.62
C ARG D 190 40.29 -0.40 -11.08
N TYR D 191 39.93 -0.28 -9.79
CA TYR D 191 39.58 1.03 -9.26
C TYR D 191 40.58 1.61 -8.29
N ALA D 192 40.40 2.90 -8.02
CA ALA D 192 41.20 3.69 -7.08
C ALA D 192 40.27 4.59 -6.25
N LEU D 193 40.67 4.93 -5.02
CA LEU D 193 39.90 5.81 -4.15
C LEU D 193 40.85 6.55 -3.19
N SER D 194 40.67 7.89 -3.10
CA SER D 194 41.48 8.73 -2.23
C SER D 194 40.70 9.41 -1.10
N SER D 195 41.43 9.69 -0.01
CA SER D 195 40.92 10.37 1.17
C SER D 195 42.02 11.24 1.78
N ARG D 196 41.61 12.30 2.46
CA ARG D 196 42.58 13.13 3.17
C ARG D 196 42.21 13.34 4.63
N LEU D 197 43.20 13.64 5.45
CA LEU D 197 43.04 13.98 6.85
C LEU D 197 43.81 15.26 7.12
N ARG D 198 43.08 16.35 7.37
CA ARG D 198 43.68 17.62 7.72
C ARG D 198 43.75 17.74 9.26
N VAL D 199 44.96 17.93 9.77
CA VAL D 199 45.25 18.10 11.19
C VAL D 199 46.07 19.37 11.42
N SER D 200 46.28 19.77 12.67
CA SER D 200 47.08 20.97 12.94
C SER D 200 48.55 20.59 12.79
N ALA D 201 49.41 21.60 12.52
CA ALA D 201 50.86 21.41 12.40
C ALA D 201 51.34 20.81 13.73
N THR D 202 50.92 21.45 14.87
CA THR D 202 51.18 21.06 16.25
C THR D 202 50.74 19.63 16.56
N PHE D 203 49.69 19.10 15.91
CA PHE D 203 49.29 17.69 16.13
C PHE D 203 50.22 16.74 15.37
N TRP D 204 50.34 16.95 14.04
CA TRP D 204 51.20 16.15 13.19
C TRP D 204 52.63 16.07 13.70
N GLN D 205 53.20 17.20 14.18
CA GLN D 205 54.60 17.31 14.64
C GLN D 205 54.93 16.52 15.93
N ASN D 206 53.99 15.72 16.47
CA ASN D 206 54.24 14.86 17.65
C ASN D 206 54.62 13.45 17.14
N PRO D 207 55.76 12.87 17.56
CA PRO D 207 56.15 11.54 17.05
C PRO D 207 55.40 10.37 17.67
N ARG D 208 54.70 10.64 18.77
CA ARG D 208 53.95 9.62 19.51
C ARG D 208 52.50 9.47 18.98
N ASN D 209 52.10 10.35 18.03
CA ASN D 209 50.78 10.33 17.36
C ASN D 209 50.85 9.43 16.16
N HIS D 210 49.95 8.44 16.17
CA HIS D 210 49.81 7.37 15.19
C HIS D 210 48.61 7.58 14.27
N PHE D 211 48.86 7.66 12.95
CA PHE D 211 47.82 7.84 11.92
C PHE D 211 47.69 6.60 11.04
N ARG D 212 46.50 6.00 11.01
CA ARG D 212 46.26 4.81 10.21
C ARG D 212 45.08 5.00 9.29
N CYS D 213 45.28 4.61 8.03
CA CYS D 213 44.25 4.65 7.03
C CYS D 213 43.76 3.22 6.77
N GLN D 214 42.52 2.92 7.15
CA GLN D 214 41.92 1.59 7.05
C GLN D 214 40.97 1.48 5.86
N VAL D 215 41.15 0.43 5.05
CA VAL D 215 40.31 0.19 3.88
C VAL D 215 39.69 -1.19 3.93
N GLN D 216 38.36 -1.25 4.16
CA GLN D 216 37.64 -2.51 4.16
C GLN D 216 37.29 -2.85 2.73
N PHE D 217 37.83 -3.95 2.25
CA PHE D 217 37.56 -4.41 0.88
C PHE D 217 36.59 -5.56 0.95
N TYR D 218 35.63 -5.58 0.03
CA TYR D 218 34.68 -6.68 -0.05
C TYR D 218 34.94 -7.51 -1.30
N GLY D 219 35.41 -8.72 -1.05
CA GLY D 219 35.75 -9.67 -2.10
C GLY D 219 35.15 -11.03 -1.86
N LEU D 220 35.94 -12.08 -2.16
CA LEU D 220 35.59 -13.49 -2.05
C LEU D 220 35.41 -13.96 -0.61
N SER D 221 34.77 -15.12 -0.43
CA SER D 221 34.59 -15.72 0.91
C SER D 221 35.61 -16.84 1.14
N GLU D 222 35.72 -17.32 2.40
CA GLU D 222 36.61 -18.43 2.76
C GLU D 222 36.15 -19.69 1.98
N ASN D 223 34.82 -19.97 2.00
CA ASN D 223 34.17 -21.09 1.33
C ASN D 223 34.09 -20.93 -0.22
N ASP D 224 35.19 -20.47 -0.87
CA ASP D 224 35.26 -20.23 -2.32
C ASP D 224 36.29 -21.09 -3.06
N GLU D 225 35.93 -21.56 -4.29
CA GLU D 225 36.78 -22.43 -5.09
C GLU D 225 37.92 -21.71 -5.85
N TRP D 226 38.81 -21.02 -5.09
CA TRP D 226 39.98 -20.32 -5.64
C TRP D 226 41.12 -21.28 -5.86
N THR D 227 41.66 -21.26 -7.10
CA THR D 227 42.77 -22.10 -7.54
C THR D 227 43.72 -21.26 -8.43
N GLN D 228 44.55 -20.42 -7.78
CA GLN D 228 45.50 -19.56 -8.49
C GLN D 228 46.79 -19.30 -7.71
N ASP D 229 47.89 -19.09 -8.46
CA ASP D 229 49.25 -18.80 -7.96
C ASP D 229 49.30 -17.34 -7.50
N ARG D 230 48.38 -17.00 -6.56
CA ARG D 230 48.17 -15.69 -5.96
C ARG D 230 47.18 -15.86 -4.79
N ALA D 231 47.41 -15.12 -3.68
CA ALA D 231 46.56 -15.18 -2.49
C ALA D 231 45.12 -14.83 -2.85
N LYS D 232 44.16 -15.63 -2.33
CA LYS D 232 42.71 -15.48 -2.57
C LYS D 232 42.23 -14.05 -2.22
N PRO D 233 41.59 -13.31 -3.17
CA PRO D 233 41.15 -11.93 -2.88
C PRO D 233 39.86 -11.86 -2.05
N VAL D 234 39.98 -12.30 -0.81
CA VAL D 234 38.88 -12.31 0.15
C VAL D 234 38.59 -10.93 0.72
N THR D 235 37.42 -10.81 1.35
CA THR D 235 36.97 -9.64 2.07
C THR D 235 38.01 -9.49 3.16
N GLN D 236 38.67 -8.32 3.19
CA GLN D 236 39.77 -8.04 4.11
C GLN D 236 40.00 -6.57 4.32
N ILE D 237 40.55 -6.21 5.49
CA ILE D 237 40.95 -4.84 5.80
C ILE D 237 42.39 -4.74 5.34
N VAL D 238 42.68 -3.66 4.59
CA VAL D 238 44.01 -3.33 4.11
C VAL D 238 44.28 -1.94 4.63
N SER D 239 45.30 -1.79 5.47
CA SER D 239 45.65 -0.54 6.14
C SER D 239 47.06 -0.07 5.78
N ALA D 240 47.30 1.23 5.98
CA ALA D 240 48.61 1.89 5.81
C ALA D 240 48.75 2.83 7.00
N GLU D 241 49.98 2.96 7.54
CA GLU D 241 50.23 3.78 8.75
C GLU D 241 51.27 4.89 8.54
N ALA D 242 51.22 5.87 9.44
CA ALA D 242 52.14 6.99 9.49
C ALA D 242 52.30 7.49 10.92
N TRP D 243 53.51 7.88 11.26
CA TRP D 243 53.80 8.45 12.56
C TRP D 243 54.27 9.88 12.34
N GLY D 244 53.87 10.78 13.24
CA GLY D 244 54.21 12.20 13.15
C GLY D 244 55.69 12.56 13.14
N ARG D 245 56.04 13.54 12.28
CA ARG D 245 57.39 14.07 12.11
C ARG D 245 57.70 15.03 13.27
N ALA D 246 58.70 15.93 13.12
CA ALA D 246 59.08 16.88 14.18
C ALA D 246 59.57 18.21 13.63
#